data_8XFT
#
_entry.id   8XFT
#
_cell.length_a   1.00
_cell.length_b   1.00
_cell.length_c   1.00
_cell.angle_alpha   90.00
_cell.angle_beta   90.00
_cell.angle_gamma   90.00
#
_symmetry.space_group_name_H-M   'P 1'
#
loop_
_entity.id
_entity.type
_entity.pdbx_description
1 polymer 'Leucine-rich repeat-containing G-protein coupled receptor 4'
2 polymer 'E3 ubiquitin-protein ligase ZNRF3'
3 polymer MB52
4 polymer R-spondin-2
#
loop_
_entity_poly.entity_id
_entity_poly.type
_entity_poly.pdbx_seq_one_letter_code
_entity_poly.pdbx_strand_id
1 'polypeptide(L)'
;MPGPLGLLCFLALGLLGSAGPSGAAPPLCAAPCSCDGDRRVDCSGKGLTAVPEGLSAFTQALDISMNNITQLPEDAFKNF
PFLEELQLAGNDLSFIHPKALSGLKELKVLTLQNNQLKTVPSEAIRGLSALQSLRLDANHITSVPEDSFEGLVQLRHLWL
DDNSLTEVPVHPLSNLPTLQALTLALNKISSIPDFAFTNLSSLVVLHLHNNKIRSLSQHCFDGLDNLETLDLNYNNLGEF
PQAIKALPSLKELGFHSNSISVIPDGAFDGNPLLRTIHLYDNPLSFVGNSAFHNLSDLHSLVIRGASMVQQFPNLTGTVH
LESLTLTGTKISSIPNNLCQEQKMLRTLDLSYNNIRDLPSFNGCHALEEISLQRNQIYQIKEGTFQGLISLRILDLSRNL
IHEIHSRAFATLGPITNLDVSFNELTSFPTEGLNGLNQLKLVGNFKLKEALAAKDFVNLRSLSVPYAYQCCAFWGCDSYA
NLNTEDNSLQDHSVAQEKGTADAANVTSTLENEEHSQIIIHCTPSTGAFKPCEYLLGSWMIRLTVWFIFLVALFFNLLVI
LTTFASCTSLPSSKLFIGLISVSNLFMGIYTGILTFLDAVSWGRFAEFGIWWETGSGCKVAGFLAVFSSESAIFLLMLAT
VERSLSAKDIMKNGKSNHLKQFRVAALLAFLGATVAGCFPLFHRGEYSASPLCLPFPTGETPSLGFTVTLVLLNSLAFLL
MAVIYTKLYCNLEKEDLSENSQSSMIKHVAWLIFTNCIFFCPVAFFSFAPLITAISISPEIMKSVTLIFFPLPACLNPVL
YVFFNPKFKEDWKLLKRRVTKKSGSVSVSISSQGGCLEQDFYYDCGMYSHLQGNLTVCDCCESFLLTKPVSCKHLIKSHS
CPALAVASCQRPEGYWSDCGTQSAHSDYADEEDSFVSDSSDQVQACGRACFYQSRGFPLVRYAYNLPRVKD
;
A
2 'polypeptide(L)'
;MRPRSGGRPGATGRRRRRLRRRPRGLRCSRLPPPPPLPLLLGLLLAAAGPGAARAKETAFVEVVLFESSPSGDYTTYTTG
LTGRFSRAGATLSAEGEIVQMHPLGLCNNNDEEDLYEYGWVGVVKLEQPELDPKPCLTVLGKAKRAVQRGATAVIFDVSE
NPEAIDQLNQGSEDPLKRPVVYVKGADAIKLMNIVNKQKVARARIQHRPPRQPTEYFDMGIFLAFFVVVSLVCLILLVKI
KLKQRRSQNSMNRLAVQALEKMETRKFNSKSKGRREGSCGALDTLSSSSTSDCAICLEKYIDGEELRVIPCTHRFHRKCV
DPWLLQHHTCPHCRHNIIEQKGNPSAVCVETSNLSRGRQQRVTLPVHYPGRVHRTNAIPAYPTRTSMDSHGNPVTLLTMD
RHGEQSLYSPQTPAYIRSYPPLHLDHSLAAHRCGLEHRAYSPAHPFRRPKLSGRSFSKAACFSQYETMYQHYYFQGLSYP
EQEGQSPPSLAPRGPARAFPPSGSGSLLFPTVVHVAPPSHLESGSTSSFSCYHGHRSVCSGYLADCPGSDSSSSSSSGQC
HCSSSDSVVDCTEVSNQGVYGSCSTFRSSLSSDYDPFIYRSRSPCRASEAGGSGSSGRGPALCFEGSPPPEELPAVHSHG
AGRGEPWPGPASPSGDQVSTCSLEMNYSSNSSLEHRGPNSSTSEVGLEASPGAAPDLRRTWKGGHELPSCACCCEPQPSP
AGPSAGAAGSSTLFLGPHLYEGSGPAGGEPQSGSSQGLYGLHPDHLPRTDGVKYEGLPCCFYEEKQVARGGGGGSGCYTE
DYSVSVQYTLTEEPPPGCYPGARDLSQRIPIIPEDVDCDLGLPSDCQGTHSLGSWGGTRGPDTPRPHRGLGATREEERAL
CCQARALLRPGCPPEEAGAVRANFPSALQDTQESSTTATEAAGPRSHSADSSSPGA
;
C
3 'polypeptide(L)'
;MKKIWLALAGLVLAFSASAQVQLVESGGGLVQTKTTTSVIDTTNDAQNLLTQAQTIVNTLKDYCPILIAKSSSSNGGTNN
ANTPSWQTAGGGKNSCATFGAEFSAASDMINNAQKIVQETQQLSANQPKNITQPHNLNLNSPSSLTALAQKMLKNAQSQA
EILKLANQVESDFNKLSSGHLKDYIGKCDASAISSANMTMQNQKNNWGNGCAGVEETQSLLKTSAADFNNQTPQINQAQN
LANTLIQELGNNPFRASGGGSGGGGSGKLSDTYEQLSRLLTNDNGTNSKTSAQAINQAVNNLNERAKTLAGGTTNSPAYQ
ATLLALRSVLGLWNSMGYAVICGGYTKSPGENNQKDFHYTDENGNGTTINCGGSTNSNGTHSYNGTNTLKADKNVSLSIE
QYEKIHEAYQILSKALKQAGLAPLNSKGEKLEAHVTTSKYGSLRLSCAASGYTYSPYCMGWFRQAPGKAREGVATVDLDG
STIYADSVKGRFTISQDNAKNTLYLQMNSLKPEDTAMYYCASRTRAGVTCGLNWAIFSYWGQGTQVTVSSHHHHHHEPEA
;
E
4 'polypeptide(L)'
;MQFRLFSFALIILNCMDYSHCQGNRWRRSKRASYVSNPICKGCLSCSKDNGCSRCQQKLFFFLRREGMRQYGECLHSCPS
GYYGHRAPDMNRCARCRIENCDSCFSKDFCTKCKVGFYLHRGRCFDECPDGFAPLDETMECVEGCEVGHWSEWGTCSRNN
RTCGFKWGLETRTRQIVKKPVKDTILCPTIAESRRCKMTMRHCPGGKRTPKAKEKRNKKKKRKLIERAQEQHSVFLATDR
ANQ
;
G
#
# COMPACT_ATOMS: atom_id res chain seq x y z
N CYS A 33 44.97 1.78 19.81
CA CYS A 33 43.62 1.39 19.41
C CYS A 33 43.12 0.23 20.26
N SER A 34 42.07 -0.42 19.78
CA SER A 34 41.52 -1.61 20.44
C SER A 34 42.26 -2.86 19.95
N CYS A 35 43.55 -2.91 20.29
CA CYS A 35 44.39 -4.04 19.87
C CYS A 35 43.85 -5.33 20.48
N ASP A 36 43.96 -6.41 19.71
CA ASP A 36 43.40 -7.70 20.11
C ASP A 36 44.48 -8.76 20.03
N GLY A 37 44.28 -9.83 20.82
CA GLY A 37 45.26 -10.90 20.87
C GLY A 37 45.41 -11.66 19.57
N ASP A 38 44.33 -11.80 18.81
CA ASP A 38 44.35 -12.55 17.55
C ASP A 38 44.95 -11.76 16.40
N ARG A 39 45.68 -10.68 16.69
CA ARG A 39 46.38 -9.88 15.68
C ARG A 39 45.38 -9.25 14.71
N ARG A 40 44.35 -8.62 15.26
CA ARG A 40 43.34 -7.91 14.47
C ARG A 40 42.98 -6.64 15.22
N VAL A 41 43.52 -5.51 14.78
CA VAL A 41 43.32 -4.24 15.44
C VAL A 41 42.04 -3.59 14.91
N ASP A 42 41.48 -2.68 15.71
CA ASP A 42 40.28 -1.94 15.32
C ASP A 42 40.47 -0.48 15.77
N CYS A 43 40.98 0.34 14.87
CA CYS A 43 41.17 1.76 15.12
C CYS A 43 40.00 2.60 14.62
N SER A 44 38.90 1.97 14.25
CA SER A 44 37.78 2.68 13.65
C SER A 44 37.17 3.69 14.60
N GLY A 45 36.91 4.89 14.10
CA GLY A 45 36.18 5.89 14.85
C GLY A 45 36.97 6.69 15.85
N LYS A 46 38.29 6.52 15.91
CA LYS A 46 39.09 7.23 16.91
C LYS A 46 39.43 8.65 16.48
N GLY A 47 39.13 9.04 15.23
CA GLY A 47 39.36 10.39 14.78
C GLY A 47 40.78 10.70 14.37
N LEU A 48 41.69 9.74 14.40
CA LEU A 48 43.08 10.02 14.06
C LEU A 48 43.22 10.31 12.57
N THR A 49 44.33 10.96 12.22
CA THR A 49 44.56 11.43 10.85
C THR A 49 45.83 10.82 10.25
N ALA A 50 46.29 9.68 10.76
CA ALA A 50 47.46 9.02 10.21
C ALA A 50 47.41 7.55 10.62
N VAL A 51 48.37 6.79 10.10
CA VAL A 51 48.51 5.39 10.48
C VAL A 51 48.99 5.33 11.92
N PRO A 52 48.26 4.64 12.81
CA PRO A 52 48.65 4.64 14.23
C PRO A 52 50.00 3.97 14.44
N GLU A 53 50.74 4.49 15.41
CA GLU A 53 52.03 3.95 15.79
C GLU A 53 51.92 3.15 17.09
N GLY A 54 53.01 2.47 17.43
CA GLY A 54 53.02 1.63 18.61
C GLY A 54 52.12 0.42 18.51
N LEU A 55 52.10 -0.24 17.35
CA LEU A 55 51.31 -1.44 17.14
C LEU A 55 52.23 -2.58 16.73
N SER A 56 51.81 -3.80 17.08
CA SER A 56 52.62 -4.98 16.79
C SER A 56 52.75 -5.17 15.28
N ALA A 57 53.92 -5.67 14.87
CA ALA A 57 54.21 -5.88 13.45
C ALA A 57 53.66 -7.21 12.94
N PHE A 58 53.04 -8.02 13.80
CA PHE A 58 52.49 -9.30 13.41
C PHE A 58 51.01 -9.24 13.07
N THR A 59 50.42 -8.05 13.05
CA THR A 59 48.99 -7.93 12.80
C THR A 59 48.66 -8.38 11.38
N GLN A 60 47.42 -8.81 11.19
CA GLN A 60 46.95 -9.29 9.90
C GLN A 60 45.64 -8.66 9.45
N ALA A 61 45.09 -7.72 10.22
CA ALA A 61 43.84 -7.06 9.83
C ALA A 61 43.77 -5.72 10.56
N LEU A 62 43.89 -4.63 9.81
CA LEU A 62 43.90 -3.28 10.37
C LEU A 62 42.67 -2.54 9.87
N ASP A 63 41.88 -2.01 10.79
CA ASP A 63 40.71 -1.20 10.47
C ASP A 63 40.95 0.22 10.96
N ILE A 64 41.12 1.15 10.03
CA ILE A 64 41.29 2.56 10.36
C ILE A 64 40.18 3.33 9.64
N SER A 65 39.02 2.69 9.51
CA SER A 65 37.97 3.15 8.60
C SER A 65 37.40 4.51 8.94
N MET A 66 36.74 4.64 10.09
CA MET A 66 35.89 5.80 10.32
C MET A 66 36.70 7.08 10.56
N ASN A 67 37.89 6.96 11.15
CA ASN A 67 38.69 8.15 11.42
C ASN A 67 39.09 8.84 10.13
N ASN A 68 39.17 10.16 10.17
CA ASN A 68 39.37 10.96 8.96
C ASN A 68 40.86 11.01 8.63
N ILE A 69 41.26 10.24 7.62
CA ILE A 69 42.60 10.31 7.04
C ILE A 69 42.44 10.81 5.61
N THR A 70 43.18 11.86 5.27
CA THR A 70 43.03 12.51 3.98
C THR A 70 44.12 12.15 2.98
N GLN A 71 45.17 11.45 3.41
CA GLN A 71 46.22 11.05 2.49
C GLN A 71 47.03 9.92 3.12
N LEU A 72 47.73 9.19 2.28
CA LEU A 72 48.62 8.11 2.72
C LEU A 72 50.04 8.44 2.29
N PRO A 73 50.94 8.76 3.21
CA PRO A 73 52.31 9.11 2.83
C PRO A 73 53.08 7.90 2.34
N GLU A 74 54.28 8.16 1.82
CA GLU A 74 55.15 7.08 1.39
C GLU A 74 55.58 6.23 2.57
N ASP A 75 55.55 4.92 2.38
CA ASP A 75 55.88 3.96 3.44
C ASP A 75 55.02 4.18 4.68
N ALA A 76 53.72 4.43 4.47
CA ALA A 76 52.80 4.60 5.58
C ALA A 76 52.51 3.28 6.29
N PHE A 77 52.80 2.16 5.65
CA PHE A 77 52.57 0.83 6.21
C PHE A 77 53.86 0.02 6.20
N LYS A 78 54.97 0.65 6.57
CA LYS A 78 56.23 -0.07 6.69
C LYS A 78 56.30 -0.91 7.97
N ASN A 79 55.47 -0.60 8.95
CA ASN A 79 55.43 -1.34 10.20
C ASN A 79 54.39 -2.45 10.22
N PHE A 80 53.73 -2.70 9.08
CA PHE A 80 52.73 -3.75 8.96
C PHE A 80 53.05 -4.60 7.74
N PRO A 81 54.13 -5.38 7.78
CA PRO A 81 54.46 -6.24 6.63
C PRO A 81 53.60 -7.47 6.53
N PHE A 82 52.83 -7.82 7.57
CA PHE A 82 52.02 -9.03 7.58
C PHE A 82 50.54 -8.74 7.45
N LEU A 83 50.16 -7.61 6.87
CA LEU A 83 48.76 -7.29 6.70
C LEU A 83 48.11 -8.23 5.68
N GLU A 84 46.87 -8.64 5.98
CA GLU A 84 46.08 -9.43 5.05
C GLU A 84 44.70 -8.85 4.81
N GLU A 85 44.33 -7.78 5.50
CA GLU A 85 43.02 -7.15 5.32
C GLU A 85 43.12 -5.71 5.80
N LEU A 86 43.01 -4.77 4.87
CA LEU A 86 43.10 -3.35 5.17
C LEU A 86 41.78 -2.68 4.82
N GLN A 87 41.20 -1.99 5.80
CA GLN A 87 39.95 -1.26 5.61
C GLN A 87 40.20 0.23 5.79
N LEU A 88 39.82 1.01 4.78
CA LEU A 88 39.99 2.46 4.80
C LEU A 88 38.71 3.15 4.37
N ALA A 89 37.57 2.50 4.58
CA ALA A 89 36.29 3.05 4.17
C ALA A 89 35.86 4.18 5.09
N GLY A 90 35.27 5.21 4.50
CA GLY A 90 34.69 6.28 5.28
C GLY A 90 35.62 7.42 5.64
N ASN A 91 36.92 7.28 5.40
CA ASN A 91 37.81 8.42 5.57
C ASN A 91 37.49 9.49 4.52
N ASP A 92 38.11 10.65 4.68
CA ASP A 92 38.09 11.66 3.64
C ASP A 92 39.33 11.54 2.76
N LEU A 93 39.58 10.33 2.27
CA LEU A 93 40.82 10.05 1.55
C LEU A 93 40.77 10.66 0.17
N SER A 94 41.84 11.36 -0.20
CA SER A 94 41.92 12.03 -1.50
C SER A 94 43.22 11.80 -2.25
N PHE A 95 44.24 11.22 -1.61
CA PHE A 95 45.50 10.97 -2.29
C PHE A 95 46.19 9.79 -1.63
N ILE A 96 46.71 8.88 -2.45
CA ILE A 96 47.48 7.74 -2.00
C ILE A 96 48.81 7.77 -2.72
N HIS A 97 49.90 7.79 -1.96
CA HIS A 97 51.21 7.84 -2.57
C HIS A 97 51.47 6.57 -3.36
N PRO A 98 52.22 6.65 -4.48
CA PRO A 98 52.50 5.44 -5.27
C PRO A 98 53.19 4.35 -4.47
N LYS A 99 54.01 4.69 -3.49
CA LYS A 99 54.69 3.72 -2.65
C LYS A 99 54.05 3.56 -1.28
N ALA A 100 52.84 4.10 -1.09
CA ALA A 100 52.19 3.99 0.20
C ALA A 100 51.88 2.54 0.56
N LEU A 101 51.41 1.77 -0.41
CA LEU A 101 51.05 0.37 -0.20
C LEU A 101 52.14 -0.59 -0.63
N SER A 102 53.36 -0.10 -0.83
CA SER A 102 54.47 -0.97 -1.18
C SER A 102 54.84 -1.86 0.00
N GLY A 103 55.25 -3.09 -0.32
CA GLY A 103 55.62 -4.05 0.70
C GLY A 103 54.47 -4.84 1.27
N LEU A 104 53.23 -4.60 0.82
CA LEU A 104 52.08 -5.35 1.30
C LEU A 104 51.80 -6.54 0.37
N LYS A 105 52.79 -7.42 0.26
CA LYS A 105 52.68 -8.59 -0.58
C LYS A 105 51.74 -9.64 -0.03
N GLU A 106 51.28 -9.50 1.21
CA GLU A 106 50.34 -10.44 1.81
C GLU A 106 48.93 -9.86 1.93
N LEU A 107 48.68 -8.71 1.33
CA LEU A 107 47.37 -8.07 1.42
C LEU A 107 46.37 -8.78 0.50
N LYS A 108 45.23 -9.16 1.05
CA LYS A 108 44.20 -9.88 0.30
C LYS A 108 42.90 -9.12 0.16
N VAL A 109 42.54 -8.27 1.12
CA VAL A 109 41.32 -7.47 1.05
C VAL A 109 41.70 -6.01 1.25
N LEU A 110 41.21 -5.14 0.37
CA LEU A 110 41.45 -3.71 0.46
C LEU A 110 40.12 -2.99 0.29
N THR A 111 39.74 -2.20 1.29
CA THR A 111 38.47 -1.48 1.27
C THR A 111 38.74 0.02 1.28
N LEU A 112 38.26 0.70 0.24
CA LEU A 112 38.35 2.16 0.10
C LEU A 112 37.01 2.73 -0.33
N GLN A 113 35.91 2.14 0.16
CA GLN A 113 34.64 2.26 -0.55
C GLN A 113 34.06 3.67 -0.49
N ASN A 114 34.22 4.37 0.63
CA ASN A 114 33.45 5.59 0.86
C ASN A 114 34.37 6.80 1.04
N ASN A 115 35.42 6.88 0.24
CA ASN A 115 36.36 7.98 0.32
C ASN A 115 36.10 8.98 -0.80
N GLN A 116 37.00 9.95 -0.97
CA GLN A 116 36.84 11.01 -1.94
C GLN A 116 37.84 10.89 -3.10
N LEU A 117 38.27 9.67 -3.40
CA LEU A 117 39.11 9.44 -4.58
C LEU A 117 38.30 9.71 -5.83
N LYS A 118 38.85 10.51 -6.74
CA LYS A 118 38.19 10.84 -7.99
C LYS A 118 38.62 9.94 -9.14
N THR A 119 39.46 8.95 -8.86
CA THR A 119 40.02 8.10 -9.91
C THR A 119 40.44 6.78 -9.29
N VAL A 120 40.70 5.80 -10.15
CA VAL A 120 41.23 4.52 -9.72
C VAL A 120 42.71 4.70 -9.41
N PRO A 121 43.16 4.41 -8.20
CA PRO A 121 44.58 4.60 -7.87
C PRO A 121 45.46 3.59 -8.60
N SER A 122 45.69 3.82 -9.89
CA SER A 122 46.37 2.82 -10.71
C SER A 122 47.78 2.56 -10.24
N GLU A 123 48.53 3.62 -9.90
CA GLU A 123 49.90 3.44 -9.45
C GLU A 123 49.97 2.90 -8.03
N ALA A 124 49.01 3.28 -7.18
CA ALA A 124 49.07 2.88 -5.78
C ALA A 124 48.83 1.38 -5.61
N ILE A 125 47.93 0.81 -6.39
CA ILE A 125 47.53 -0.58 -6.19
C ILE A 125 48.42 -1.51 -7.01
N ARG A 126 49.46 -0.96 -7.62
CA ARG A 126 50.43 -1.81 -8.30
C ARG A 126 51.26 -2.57 -7.29
N GLY A 127 51.68 -3.78 -7.68
CA GLY A 127 52.50 -4.60 -6.81
C GLY A 127 51.75 -5.35 -5.74
N LEU A 128 50.41 -5.32 -5.77
CA LEU A 128 49.60 -6.09 -4.82
C LEU A 128 49.19 -7.41 -5.47
N SER A 129 50.19 -8.29 -5.61
CA SER A 129 50.00 -9.54 -6.34
C SER A 129 49.13 -10.54 -5.59
N ALA A 130 48.81 -10.28 -4.31
CA ALA A 130 47.99 -11.20 -3.53
C ALA A 130 46.63 -10.63 -3.20
N LEU A 131 46.22 -9.56 -3.87
CA LEU A 131 44.94 -8.93 -3.61
C LEU A 131 43.81 -9.76 -4.21
N GLN A 132 42.71 -9.89 -3.48
CA GLN A 132 41.59 -10.70 -3.94
C GLN A 132 40.29 -9.90 -3.94
N SER A 133 40.14 -8.98 -3.00
CA SER A 133 38.95 -8.14 -2.91
C SER A 133 39.37 -6.69 -2.88
N LEU A 134 38.73 -5.87 -3.72
CA LEU A 134 39.01 -4.44 -3.80
C LEU A 134 37.70 -3.68 -3.84
N ARG A 135 37.52 -2.73 -2.91
CA ARG A 135 36.29 -1.95 -2.84
C ARG A 135 36.58 -0.51 -3.21
N LEU A 136 35.82 0.01 -4.18
CA LEU A 136 35.89 1.39 -4.62
C LEU A 136 34.49 1.94 -4.85
N ASP A 137 33.56 1.59 -3.95
CA ASP A 137 32.14 1.80 -4.17
C ASP A 137 31.72 3.25 -4.33
N ALA A 138 31.83 4.03 -3.27
CA ALA A 138 31.21 5.35 -3.20
C ALA A 138 32.15 6.48 -3.58
N ASN A 139 33.40 6.19 -3.92
CA ASN A 139 34.30 7.22 -4.40
C ASN A 139 33.73 7.85 -5.66
N HIS A 140 33.94 9.15 -5.82
CA HIS A 140 33.41 9.84 -6.98
C HIS A 140 34.32 9.64 -8.19
N ILE A 141 34.61 8.37 -8.51
CA ILE A 141 35.55 8.06 -9.58
C ILE A 141 34.91 8.39 -10.92
N THR A 142 35.63 9.16 -11.74
CA THR A 142 35.17 9.51 -13.07
C THR A 142 36.09 9.04 -14.18
N SER A 143 37.32 8.65 -13.88
CA SER A 143 38.27 8.23 -14.90
C SER A 143 39.00 6.98 -14.45
N VAL A 144 39.14 6.04 -15.37
CA VAL A 144 39.90 4.81 -15.12
C VAL A 144 41.12 4.80 -16.04
N PRO A 145 42.32 5.02 -15.51
CA PRO A 145 43.52 5.03 -16.37
C PRO A 145 43.70 3.70 -17.08
N GLU A 146 44.24 3.76 -18.30
CA GLU A 146 44.35 2.58 -19.15
C GLU A 146 45.25 1.50 -18.56
N ASP A 147 46.16 1.86 -17.67
CA ASP A 147 47.05 0.89 -17.04
C ASP A 147 46.56 0.42 -15.69
N SER A 148 45.31 0.73 -15.33
CA SER A 148 44.76 0.32 -14.05
C SER A 148 44.66 -1.20 -13.96
N PHE A 149 44.68 -1.69 -12.72
CA PHE A 149 44.49 -3.11 -12.43
C PHE A 149 45.54 -3.98 -13.10
N GLU A 150 46.75 -3.46 -13.25
CA GLU A 150 47.86 -4.20 -13.81
C GLU A 150 48.70 -4.77 -12.67
N GLY A 151 49.01 -6.07 -12.76
CA GLY A 151 49.69 -6.76 -11.69
C GLY A 151 48.78 -7.38 -10.66
N LEU A 152 47.47 -7.14 -10.74
CA LEU A 152 46.51 -7.76 -9.83
C LEU A 152 46.14 -9.12 -10.41
N VAL A 153 47.02 -10.11 -10.14
CA VAL A 153 46.88 -11.43 -10.74
C VAL A 153 46.05 -12.38 -9.89
N GLN A 154 45.60 -11.95 -8.70
CA GLN A 154 44.77 -12.77 -7.85
C GLN A 154 43.40 -12.15 -7.58
N LEU A 155 43.07 -11.03 -8.23
CA LEU A 155 41.84 -10.33 -7.93
C LEU A 155 40.63 -11.18 -8.29
N ARG A 156 39.67 -11.24 -7.38
CA ARG A 156 38.45 -12.00 -7.61
C ARG A 156 37.17 -11.23 -7.39
N HIS A 157 37.18 -10.15 -6.61
CA HIS A 157 35.99 -9.34 -6.39
C HIS A 157 36.36 -7.87 -6.61
N LEU A 158 35.55 -7.16 -7.39
CA LEU A 158 35.78 -5.76 -7.70
C LEU A 158 34.49 -4.99 -7.51
N TRP A 159 34.57 -3.88 -6.79
CA TRP A 159 33.43 -3.01 -6.52
C TRP A 159 33.67 -1.66 -7.18
N LEU A 160 32.77 -1.28 -8.10
CA LEU A 160 32.84 0.02 -8.76
C LEU A 160 31.46 0.63 -8.95
N ASP A 161 30.53 0.37 -8.03
CA ASP A 161 29.12 0.60 -8.34
C ASP A 161 28.72 2.06 -8.24
N ASP A 162 28.98 2.71 -7.11
CA ASP A 162 28.38 4.02 -6.85
C ASP A 162 29.29 5.18 -7.23
N ASN A 163 30.09 5.03 -8.28
CA ASN A 163 30.92 6.10 -8.79
C ASN A 163 30.19 6.82 -9.91
N SER A 164 30.91 7.68 -10.64
CA SER A 164 30.38 8.36 -11.81
C SER A 164 31.23 7.94 -13.00
N LEU A 165 30.91 6.79 -13.59
CA LEU A 165 31.62 6.24 -14.73
C LEU A 165 30.73 6.32 -15.95
N THR A 166 31.24 6.88 -17.05
CA THR A 166 30.47 7.02 -18.27
C THR A 166 30.72 5.91 -19.27
N GLU A 167 31.80 5.14 -19.12
CA GLU A 167 32.12 4.06 -20.03
C GLU A 167 32.61 2.86 -19.24
N VAL A 168 32.45 1.69 -19.84
CA VAL A 168 32.98 0.46 -19.24
C VAL A 168 34.50 0.43 -19.46
N PRO A 169 35.30 0.25 -18.41
CA PRO A 169 36.75 0.23 -18.59
C PRO A 169 37.24 -1.02 -19.29
N VAL A 170 37.16 -1.06 -20.62
CA VAL A 170 37.43 -2.29 -21.36
C VAL A 170 38.87 -2.73 -21.14
N HIS A 171 39.83 -1.89 -21.51
CA HIS A 171 41.23 -2.28 -21.37
C HIS A 171 41.64 -2.51 -19.93
N PRO A 172 41.32 -1.64 -18.96
CA PRO A 172 41.64 -1.97 -17.56
C PRO A 172 41.03 -3.26 -17.08
N LEU A 173 39.81 -3.59 -17.51
CA LEU A 173 39.20 -4.86 -17.12
C LEU A 173 39.84 -6.05 -17.83
N SER A 174 40.49 -5.83 -18.98
CA SER A 174 41.13 -6.92 -19.69
C SER A 174 42.32 -7.49 -18.93
N ASN A 175 42.78 -6.82 -17.87
CA ASN A 175 43.91 -7.27 -17.08
C ASN A 175 43.50 -8.17 -15.92
N LEU A 176 42.23 -8.56 -15.85
CA LEU A 176 41.70 -9.34 -14.73
C LEU A 176 41.02 -10.60 -15.27
N PRO A 177 41.80 -11.60 -15.69
CA PRO A 177 41.19 -12.85 -16.15
C PRO A 177 40.68 -13.73 -15.04
N THR A 178 41.13 -13.52 -13.80
CA THR A 178 40.69 -14.31 -12.65
C THR A 178 39.51 -13.69 -11.93
N LEU A 179 39.01 -12.55 -12.40
CA LEU A 179 37.91 -11.88 -11.73
C LEU A 179 36.65 -12.75 -11.74
N GLN A 180 35.98 -12.81 -10.60
CA GLN A 180 34.79 -13.63 -10.45
C GLN A 180 33.53 -12.84 -10.14
N ALA A 181 33.65 -11.68 -9.49
CA ALA A 181 32.51 -10.82 -9.20
C ALA A 181 32.85 -9.39 -9.60
N LEU A 182 31.87 -8.71 -10.21
CA LEU A 182 32.08 -7.35 -10.68
C LEU A 182 30.76 -6.61 -10.61
N THR A 183 30.82 -5.35 -10.18
CA THR A 183 29.63 -4.49 -10.12
C THR A 183 29.97 -3.11 -10.64
N LEU A 184 29.10 -2.58 -11.49
CA LEU A 184 29.19 -1.23 -12.05
C LEU A 184 27.82 -0.58 -11.98
N ALA A 185 27.19 -0.68 -10.82
CA ALA A 185 25.73 -0.53 -10.73
C ALA A 185 25.28 0.92 -10.91
N LEU A 186 25.72 1.81 -10.02
CA LEU A 186 25.15 3.14 -9.92
C LEU A 186 25.90 4.17 -10.76
N ASN A 187 26.69 3.74 -11.74
CA ASN A 187 27.44 4.66 -12.57
C ASN A 187 26.53 5.25 -13.65
N LYS A 188 27.06 6.22 -14.39
CA LYS A 188 26.32 6.85 -15.49
C LYS A 188 26.77 6.26 -16.83
N ILE A 189 26.53 4.97 -17.00
CA ILE A 189 26.93 4.25 -18.22
C ILE A 189 25.73 4.20 -19.15
N SER A 190 25.94 4.55 -20.42
CA SER A 190 24.85 4.67 -21.37
C SER A 190 24.83 3.57 -22.44
N SER A 191 25.98 2.96 -22.75
CA SER A 191 26.01 1.93 -23.77
C SER A 191 27.19 1.01 -23.50
N ILE A 192 27.13 -0.17 -24.09
CA ILE A 192 28.23 -1.14 -23.94
C ILE A 192 28.71 -1.59 -25.31
N PRO A 193 29.99 -1.45 -25.62
CA PRO A 193 30.50 -1.82 -26.95
C PRO A 193 30.71 -3.32 -27.06
N ASP A 194 31.13 -3.75 -28.24
CA ASP A 194 31.40 -5.15 -28.49
C ASP A 194 32.68 -5.58 -27.79
N PHE A 195 32.70 -6.83 -27.33
CA PHE A 195 33.88 -7.45 -26.72
C PHE A 195 34.37 -6.68 -25.49
N ALA A 196 33.42 -6.12 -24.73
CA ALA A 196 33.81 -5.36 -23.54
C ALA A 196 34.36 -6.26 -22.44
N PHE A 197 33.87 -7.49 -22.34
CA PHE A 197 34.26 -8.42 -21.29
C PHE A 197 34.86 -9.70 -21.89
N THR A 198 35.74 -9.55 -22.86
CA THR A 198 36.27 -10.72 -23.57
C THR A 198 37.17 -11.56 -22.66
N ASN A 199 38.09 -10.91 -21.95
CA ASN A 199 39.05 -11.63 -21.12
C ASN A 199 38.48 -12.02 -19.76
N LEU A 200 37.25 -11.62 -19.45
CA LEU A 200 36.61 -11.99 -18.18
C LEU A 200 35.99 -13.37 -18.33
N SER A 201 36.86 -14.37 -18.50
CA SER A 201 36.42 -15.73 -18.73
C SER A 201 35.88 -16.39 -17.47
N SER A 202 36.41 -16.02 -16.30
CA SER A 202 36.02 -16.63 -15.04
C SER A 202 34.94 -15.84 -14.32
N LEU A 203 34.41 -14.79 -14.92
CA LEU A 203 33.42 -13.96 -14.26
C LEU A 203 32.14 -14.74 -14.03
N VAL A 204 31.55 -14.58 -12.84
CA VAL A 204 30.37 -15.30 -12.44
C VAL A 204 29.17 -14.37 -12.25
N VAL A 205 29.39 -13.19 -11.67
CA VAL A 205 28.32 -12.24 -11.37
C VAL A 205 28.67 -10.91 -12.03
N LEU A 206 27.68 -10.30 -12.68
CA LEU A 206 27.84 -8.97 -13.27
C LEU A 206 26.64 -8.12 -12.92
N HIS A 207 26.88 -6.97 -12.31
CA HIS A 207 25.83 -6.04 -11.91
C HIS A 207 25.97 -4.76 -12.71
N LEU A 208 24.89 -4.37 -13.38
CA LEU A 208 24.84 -3.14 -14.17
C LEU A 208 23.50 -2.45 -14.05
N HIS A 209 22.81 -2.62 -12.93
CA HIS A 209 21.38 -2.30 -12.91
C HIS A 209 21.08 -0.82 -13.02
N ASN A 210 21.57 0.00 -12.10
CA ASN A 210 21.09 1.38 -12.04
C ASN A 210 21.84 2.34 -12.96
N ASN A 211 22.54 1.85 -13.98
CA ASN A 211 23.07 2.72 -15.01
C ASN A 211 21.95 3.14 -15.95
N LYS A 212 22.22 4.17 -16.76
CA LYS A 212 21.27 4.58 -17.80
C LYS A 212 21.66 3.95 -19.14
N ILE A 213 21.78 2.62 -19.14
CA ILE A 213 22.18 1.90 -20.33
C ILE A 213 21.01 1.84 -21.30
N ARG A 214 21.29 2.16 -22.57
CA ARG A 214 20.28 2.07 -23.62
C ARG A 214 20.72 1.30 -24.84
N SER A 215 22.02 1.03 -25.00
CA SER A 215 22.54 0.35 -26.17
C SER A 215 23.39 -0.83 -25.75
N LEU A 216 23.03 -2.01 -26.22
CA LEU A 216 23.82 -3.23 -26.03
C LEU A 216 24.11 -3.81 -27.41
N SER A 217 25.38 -3.82 -27.79
CA SER A 217 25.75 -4.41 -29.08
C SER A 217 25.62 -5.92 -29.01
N GLN A 218 25.53 -6.55 -30.18
CA GLN A 218 25.27 -7.98 -30.26
C GLN A 218 26.40 -8.83 -29.68
N HIS A 219 27.61 -8.28 -29.56
CA HIS A 219 28.75 -9.04 -29.08
C HIS A 219 29.35 -8.44 -27.80
N CYS A 220 28.57 -7.66 -27.05
CA CYS A 220 29.11 -7.07 -25.84
C CYS A 220 29.41 -8.14 -24.79
N PHE A 221 28.53 -9.12 -24.64
CA PHE A 221 28.72 -10.20 -23.69
C PHE A 221 29.38 -11.42 -24.33
N ASP A 222 30.50 -11.21 -25.02
CA ASP A 222 31.24 -12.30 -25.64
C ASP A 222 32.44 -12.65 -24.79
N GLY A 223 32.71 -13.95 -24.68
CA GLY A 223 33.72 -14.43 -23.77
C GLY A 223 33.27 -14.50 -22.32
N LEU A 224 32.01 -14.20 -22.05
CA LEU A 224 31.47 -14.23 -20.69
C LEU A 224 30.89 -15.59 -20.35
N ASP A 225 31.70 -16.64 -20.50
CA ASP A 225 31.31 -17.93 -19.99
C ASP A 225 31.42 -17.94 -18.47
N ASN A 226 30.79 -18.95 -17.85
CA ASN A 226 30.74 -19.10 -16.41
C ASN A 226 29.90 -18.00 -15.75
N LEU A 227 29.40 -17.06 -16.55
CA LEU A 227 28.54 -16.02 -16.00
C LEU A 227 27.18 -16.59 -15.66
N GLU A 228 26.75 -16.39 -14.42
CA GLU A 228 25.49 -16.95 -13.93
C GLU A 228 24.45 -15.90 -13.59
N THR A 229 24.87 -14.74 -13.11
CA THR A 229 23.95 -13.65 -12.76
C THR A 229 24.31 -12.41 -13.57
N LEU A 230 23.31 -11.87 -14.27
CA LEU A 230 23.45 -10.62 -15.00
C LEU A 230 22.34 -9.68 -14.56
N ASP A 231 22.73 -8.47 -14.15
CA ASP A 231 21.78 -7.49 -13.62
C ASP A 231 21.71 -6.30 -14.57
N LEU A 232 20.52 -6.03 -15.10
CA LEU A 232 20.27 -4.91 -16.00
C LEU A 232 18.96 -4.23 -15.66
N ASN A 233 18.69 -4.07 -14.37
CA ASN A 233 17.34 -3.75 -13.93
C ASN A 233 16.87 -2.34 -14.30
N TYR A 234 17.56 -1.32 -13.81
CA TYR A 234 17.07 0.05 -13.90
C TYR A 234 17.70 0.85 -15.03
N ASN A 235 18.01 0.21 -16.14
CA ASN A 235 18.57 0.90 -17.30
C ASN A 235 17.45 1.34 -18.25
N ASN A 236 17.82 2.17 -19.21
CA ASN A 236 16.87 2.67 -20.21
C ASN A 236 16.92 1.81 -21.47
N LEU A 237 16.71 0.51 -21.29
CA LEU A 237 16.72 -0.40 -22.43
C LEU A 237 15.46 -0.21 -23.26
N GLY A 238 15.62 -0.24 -24.58
CA GLY A 238 14.51 -0.03 -25.47
C GLY A 238 13.97 -1.31 -26.08
N GLU A 239 14.87 -2.19 -26.51
CA GLU A 239 14.49 -3.48 -27.08
C GLU A 239 15.21 -4.58 -26.32
N PHE A 240 14.77 -5.81 -26.55
CA PHE A 240 15.37 -6.94 -25.86
C PHE A 240 16.75 -7.22 -26.43
N PRO A 241 17.80 -7.24 -25.61
CA PRO A 241 19.16 -7.44 -26.13
C PRO A 241 19.33 -8.83 -26.73
N GLN A 242 20.08 -8.88 -27.84
CA GLN A 242 20.46 -10.15 -28.46
C GLN A 242 21.84 -10.61 -28.02
N ALA A 243 22.49 -9.88 -27.12
CA ALA A 243 23.80 -10.27 -26.63
C ALA A 243 23.73 -11.37 -25.58
N ILE A 244 22.53 -11.73 -25.12
CA ILE A 244 22.37 -12.78 -24.13
C ILE A 244 22.74 -14.15 -24.70
N LYS A 245 22.65 -14.33 -26.01
CA LYS A 245 22.86 -15.63 -26.62
C LYS A 245 24.24 -16.20 -26.31
N ALA A 246 25.20 -15.34 -25.96
CA ALA A 246 26.56 -15.78 -25.63
C ALA A 246 26.75 -16.00 -24.14
N LEU A 247 25.70 -16.36 -23.41
CA LEU A 247 25.77 -16.61 -21.97
C LEU A 247 25.19 -17.99 -21.68
N PRO A 248 25.91 -19.06 -22.03
CA PRO A 248 25.36 -20.41 -21.84
C PRO A 248 25.09 -20.77 -20.40
N SER A 249 25.87 -20.24 -19.44
CA SER A 249 25.73 -20.61 -18.04
C SER A 249 24.80 -19.69 -17.27
N LEU A 250 24.13 -18.75 -17.94
CA LEU A 250 23.28 -17.79 -17.24
C LEU A 250 22.14 -18.51 -16.53
N LYS A 251 21.93 -18.14 -15.27
CA LYS A 251 20.88 -18.74 -14.45
C LYS A 251 19.87 -17.73 -13.93
N GLU A 252 20.26 -16.48 -13.72
CA GLU A 252 19.35 -15.43 -13.26
C GLU A 252 19.52 -14.21 -14.13
N LEU A 253 18.42 -13.66 -14.63
CA LEU A 253 18.44 -12.53 -15.53
C LEU A 253 17.48 -11.46 -15.01
N GLY A 254 18.00 -10.25 -14.83
CA GLY A 254 17.18 -9.16 -14.35
C GLY A 254 17.19 -7.97 -15.29
N PHE A 255 16.03 -7.63 -15.84
CA PHE A 255 15.90 -6.44 -16.68
C PHE A 255 14.57 -5.74 -16.43
N HIS A 256 14.08 -5.78 -15.19
CA HIS A 256 12.66 -5.53 -14.96
C HIS A 256 12.28 -4.07 -15.19
N SER A 257 13.06 -3.13 -14.65
CA SER A 257 12.64 -1.72 -14.66
C SER A 257 13.05 -0.99 -15.93
N ASN A 258 13.24 -1.69 -17.05
CA ASN A 258 13.58 -1.04 -18.30
C ASN A 258 12.30 -0.71 -19.09
N SER A 259 12.48 0.01 -20.19
CA SER A 259 11.37 0.30 -21.11
C SER A 259 11.39 -0.65 -22.31
N ILE A 260 11.20 -1.94 -22.03
CA ILE A 260 11.20 -2.97 -23.07
C ILE A 260 9.76 -3.34 -23.39
N SER A 261 9.43 -3.36 -24.68
CA SER A 261 8.05 -3.55 -25.11
C SER A 261 7.78 -4.88 -25.80
N VAL A 262 8.73 -5.42 -26.55
CA VAL A 262 8.53 -6.66 -27.28
C VAL A 262 9.64 -7.64 -26.93
N ILE A 263 9.25 -8.85 -26.56
CA ILE A 263 10.17 -9.96 -26.34
C ILE A 263 10.01 -10.93 -27.50
N PRO A 264 11.00 -11.09 -28.37
CA PRO A 264 10.83 -11.90 -29.57
C PRO A 264 10.92 -13.39 -29.26
N ASP A 265 10.55 -14.20 -30.25
CA ASP A 265 10.76 -15.63 -30.16
C ASP A 265 12.25 -15.95 -30.16
N GLY A 266 12.62 -16.99 -29.41
CA GLY A 266 14.02 -17.33 -29.29
C GLY A 266 14.84 -16.33 -28.51
N ALA A 267 14.19 -15.56 -27.63
CA ALA A 267 14.93 -14.58 -26.83
C ALA A 267 15.91 -15.25 -25.89
N PHE A 268 15.58 -16.42 -25.36
CA PHE A 268 16.42 -17.14 -24.41
C PHE A 268 16.91 -18.45 -25.01
N ASP A 269 17.23 -18.44 -26.30
CA ASP A 269 17.69 -19.66 -26.97
C ASP A 269 19.03 -20.12 -26.42
N GLY A 270 19.92 -19.19 -26.12
CA GLY A 270 21.24 -19.50 -25.62
C GLY A 270 21.37 -19.63 -24.13
N ASN A 271 20.26 -19.63 -23.40
CA ASN A 271 20.26 -19.69 -21.93
C ASN A 271 19.34 -20.82 -21.48
N PRO A 272 19.79 -22.07 -21.59
CA PRO A 272 18.93 -23.19 -21.20
C PRO A 272 18.84 -23.42 -19.70
N LEU A 273 19.70 -22.77 -18.90
CA LEU A 273 19.75 -23.01 -17.47
C LEU A 273 19.08 -21.92 -16.65
N LEU A 274 18.32 -21.03 -17.29
CA LEU A 274 17.70 -19.93 -16.57
C LEU A 274 16.72 -20.44 -15.53
N ARG A 275 16.82 -19.89 -14.32
CA ARG A 275 15.87 -20.17 -13.25
C ARG A 275 14.96 -19.00 -12.93
N THR A 276 15.47 -17.78 -13.01
CA THR A 276 14.70 -16.58 -12.65
C THR A 276 14.81 -15.56 -13.75
N ILE A 277 13.68 -14.96 -14.13
CA ILE A 277 13.65 -13.91 -15.13
C ILE A 277 12.77 -12.77 -14.62
N HIS A 278 13.39 -11.67 -14.21
CA HIS A 278 12.66 -10.51 -13.73
C HIS A 278 12.35 -9.60 -14.91
N LEU A 279 11.06 -9.36 -15.16
CA LEU A 279 10.66 -8.51 -16.28
C LEU A 279 9.49 -7.61 -15.94
N TYR A 280 9.11 -7.49 -14.67
CA TYR A 280 7.99 -6.64 -14.30
C TYR A 280 8.37 -5.17 -14.38
N ASP A 281 7.37 -4.33 -14.61
CA ASP A 281 7.46 -2.87 -14.79
C ASP A 281 8.01 -2.48 -16.16
N ASN A 282 8.31 -3.44 -17.03
CA ASN A 282 8.53 -3.09 -18.42
C ASN A 282 7.19 -2.83 -19.09
N PRO A 283 7.04 -1.73 -19.83
CA PRO A 283 5.81 -1.54 -20.60
C PRO A 283 5.75 -2.53 -21.74
N LEU A 284 4.98 -3.59 -21.59
CA LEU A 284 5.00 -4.73 -22.49
C LEU A 284 3.72 -4.80 -23.29
N SER A 285 3.85 -5.13 -24.57
CA SER A 285 2.70 -5.35 -25.44
C SER A 285 2.70 -6.73 -26.07
N PHE A 286 3.85 -7.21 -26.52
CA PHE A 286 3.96 -8.51 -27.18
C PHE A 286 5.09 -9.30 -26.55
N VAL A 287 4.91 -10.62 -26.47
CA VAL A 287 5.87 -11.48 -25.79
C VAL A 287 6.27 -12.63 -26.70
N GLY A 288 5.53 -12.83 -27.79
CA GLY A 288 5.86 -13.90 -28.70
C GLY A 288 5.40 -15.25 -28.21
N ASN A 289 4.97 -16.12 -29.11
CA ASN A 289 4.36 -17.38 -28.70
C ASN A 289 5.37 -18.39 -28.18
N SER A 290 6.67 -18.19 -28.39
CA SER A 290 7.65 -19.18 -27.97
C SER A 290 8.87 -18.54 -27.35
N ALA A 291 8.70 -17.38 -26.71
CA ALA A 291 9.83 -16.78 -25.99
C ALA A 291 10.26 -17.64 -24.82
N PHE A 292 9.30 -18.17 -24.07
CA PHE A 292 9.56 -19.04 -22.94
C PHE A 292 9.29 -20.47 -23.40
N HIS A 293 10.36 -21.21 -23.69
CA HIS A 293 10.25 -22.50 -24.34
C HIS A 293 11.57 -23.25 -24.17
N ASN A 294 11.50 -24.50 -23.69
CA ASN A 294 12.68 -25.29 -23.37
C ASN A 294 13.51 -24.66 -22.25
N LEU A 295 12.85 -23.95 -21.34
CA LEU A 295 13.50 -23.44 -20.13
C LEU A 295 13.18 -24.41 -18.99
N SER A 296 13.98 -25.48 -18.91
CA SER A 296 13.65 -26.59 -18.02
C SER A 296 13.64 -26.16 -16.56
N ASP A 297 14.59 -25.31 -16.17
CA ASP A 297 14.77 -24.96 -14.76
C ASP A 297 13.99 -23.72 -14.34
N LEU A 298 13.23 -23.10 -15.24
CA LEU A 298 12.46 -21.92 -14.87
C LEU A 298 11.33 -22.32 -13.92
N HIS A 299 11.20 -21.58 -12.82
CA HIS A 299 10.27 -21.93 -11.76
C HIS A 299 9.13 -20.94 -11.59
N SER A 300 9.16 -19.79 -12.25
CA SER A 300 8.09 -18.81 -12.08
C SER A 300 8.02 -17.94 -13.33
N LEU A 301 6.82 -17.81 -13.90
CA LEU A 301 6.60 -16.97 -15.06
C LEU A 301 5.48 -15.99 -14.74
N VAL A 302 5.79 -14.70 -14.70
CA VAL A 302 4.83 -13.65 -14.38
C VAL A 302 4.90 -12.59 -15.46
N ILE A 303 3.81 -12.41 -16.19
CA ILE A 303 3.71 -11.41 -17.25
C ILE A 303 2.44 -10.62 -17.03
N ARG A 304 2.55 -9.29 -17.06
CA ARG A 304 1.41 -8.40 -16.85
C ARG A 304 1.39 -7.33 -17.92
N GLY A 305 0.19 -6.99 -18.39
CA GLY A 305 0.00 -5.89 -19.31
C GLY A 305 0.28 -6.19 -20.76
N ALA A 306 0.60 -7.43 -21.12
CA ALA A 306 0.90 -7.75 -22.51
C ALA A 306 -0.37 -7.76 -23.35
N SER A 307 -0.89 -6.56 -23.66
CA SER A 307 -2.20 -6.46 -24.28
C SER A 307 -2.23 -7.08 -25.67
N MET A 308 -1.20 -6.86 -26.47
CA MET A 308 -1.22 -7.33 -27.85
C MET A 308 -1.14 -8.85 -27.97
N VAL A 309 -0.82 -9.56 -26.88
CA VAL A 309 -0.78 -11.02 -26.93
C VAL A 309 -2.20 -11.55 -26.91
N GLN A 310 -2.47 -12.53 -27.79
CA GLN A 310 -3.80 -13.12 -27.86
C GLN A 310 -3.77 -14.64 -27.90
N GLN A 311 -2.60 -15.25 -27.73
CA GLN A 311 -2.46 -16.70 -27.79
C GLN A 311 -1.70 -17.18 -26.56
N PHE A 312 -2.14 -18.29 -25.99
CA PHE A 312 -1.50 -18.81 -24.80
C PHE A 312 -0.09 -19.26 -25.12
N PRO A 313 0.90 -18.93 -24.28
CA PRO A 313 2.29 -19.22 -24.61
C PRO A 313 2.54 -20.71 -24.80
N ASN A 314 3.49 -21.01 -25.68
CA ASN A 314 3.93 -22.38 -25.91
C ASN A 314 5.01 -22.71 -24.90
N LEU A 315 4.67 -23.55 -23.91
CA LEU A 315 5.55 -23.82 -22.79
C LEU A 315 6.08 -25.24 -22.78
N THR A 316 6.15 -25.90 -23.94
CA THR A 316 6.68 -27.25 -23.99
C THR A 316 8.17 -27.23 -23.65
N GLY A 317 8.56 -28.06 -22.68
CA GLY A 317 9.89 -28.07 -22.15
C GLY A 317 10.07 -27.25 -20.88
N THR A 318 9.16 -26.31 -20.61
CA THR A 318 9.17 -25.54 -19.37
C THR A 318 8.17 -26.21 -18.43
N VAL A 319 8.61 -27.30 -17.82
CA VAL A 319 7.71 -28.17 -17.06
C VAL A 319 7.91 -28.04 -15.55
N HIS A 320 8.86 -27.25 -15.10
CA HIS A 320 9.12 -27.07 -13.67
C HIS A 320 8.53 -25.77 -13.14
N LEU A 321 7.62 -25.15 -13.88
CA LEU A 321 6.97 -23.94 -13.41
C LEU A 321 6.14 -24.23 -12.17
N GLU A 322 6.27 -23.37 -11.16
CA GLU A 322 5.45 -23.44 -9.97
C GLU A 322 4.40 -22.34 -9.89
N SER A 323 4.69 -21.17 -10.43
CA SER A 323 3.75 -20.06 -10.49
C SER A 323 3.65 -19.57 -11.91
N LEU A 324 2.42 -19.46 -12.42
CA LEU A 324 2.18 -18.90 -13.74
C LEU A 324 1.17 -17.79 -13.61
N THR A 325 1.48 -16.62 -14.18
CA THR A 325 0.61 -15.46 -14.11
C THR A 325 0.63 -14.75 -15.45
N LEU A 326 -0.55 -14.61 -16.07
CA LEU A 326 -0.73 -13.85 -17.31
C LEU A 326 -1.96 -12.98 -17.10
N THR A 327 -1.74 -11.79 -16.53
CA THR A 327 -2.88 -10.98 -16.07
C THR A 327 -3.51 -10.19 -17.21
N GLY A 328 -2.78 -9.24 -17.77
CA GLY A 328 -3.38 -8.35 -18.75
C GLY A 328 -3.10 -8.77 -20.17
N THR A 329 -4.07 -9.43 -20.81
CA THR A 329 -3.86 -10.03 -22.11
C THR A 329 -5.20 -10.14 -22.82
N LYS A 330 -5.18 -10.72 -24.02
CA LYS A 330 -6.39 -11.00 -24.79
C LYS A 330 -6.54 -12.49 -25.03
N ILE A 331 -5.95 -13.32 -24.16
CA ILE A 331 -6.03 -14.76 -24.31
C ILE A 331 -7.48 -15.21 -24.16
N SER A 332 -7.94 -16.06 -25.07
CA SER A 332 -9.31 -16.51 -25.07
C SER A 332 -9.49 -17.97 -24.67
N SER A 333 -8.41 -18.75 -24.58
CA SER A 333 -8.53 -20.16 -24.29
C SER A 333 -7.31 -20.64 -23.53
N ILE A 334 -7.46 -21.74 -22.83
CA ILE A 334 -6.39 -22.38 -22.06
C ILE A 334 -6.16 -23.76 -22.65
N PRO A 335 -4.91 -24.14 -22.96
CA PRO A 335 -4.69 -25.44 -23.59
C PRO A 335 -4.94 -26.60 -22.64
N ASN A 336 -5.59 -27.64 -23.18
CA ASN A 336 -5.95 -28.80 -22.36
C ASN A 336 -4.72 -29.50 -21.78
N ASN A 337 -3.55 -29.29 -22.36
CA ASN A 337 -2.33 -29.91 -21.88
C ASN A 337 -1.64 -29.10 -20.81
N LEU A 338 -2.26 -28.03 -20.31
CA LEU A 338 -1.63 -27.21 -19.28
C LEU A 338 -1.35 -28.03 -18.02
N CYS A 339 -2.21 -29.00 -17.71
CA CYS A 339 -2.01 -29.85 -16.54
C CYS A 339 -1.36 -31.19 -16.86
N GLN A 340 -1.43 -31.65 -18.11
CA GLN A 340 -0.71 -32.85 -18.49
C GLN A 340 0.79 -32.67 -18.31
N GLU A 341 1.31 -31.53 -18.72
CA GLU A 341 2.63 -31.07 -18.31
C GLU A 341 2.44 -30.06 -17.19
N GLN A 342 3.52 -29.38 -16.80
CA GLN A 342 3.50 -28.47 -15.66
C GLN A 342 3.01 -29.18 -14.40
N LYS A 343 3.57 -30.37 -14.16
CA LYS A 343 3.12 -31.21 -13.05
C LYS A 343 3.32 -30.54 -11.69
N MET A 344 4.25 -29.60 -11.59
CA MET A 344 4.56 -28.96 -10.32
C MET A 344 3.88 -27.61 -10.16
N LEU A 345 2.92 -27.28 -11.03
CA LEU A 345 2.26 -25.98 -10.98
C LEU A 345 1.47 -25.84 -9.68
N ARG A 346 1.71 -24.73 -8.98
CA ARG A 346 1.05 -24.43 -7.71
C ARG A 346 0.05 -23.30 -7.79
N THR A 347 0.44 -22.18 -8.39
CA THR A 347 -0.41 -20.99 -8.47
C THR A 347 -0.67 -20.66 -9.94
N LEU A 348 -1.94 -20.50 -10.29
CA LEU A 348 -2.35 -20.12 -11.63
C LEU A 348 -3.14 -18.83 -11.55
N ASP A 349 -2.69 -17.81 -12.28
CA ASP A 349 -3.34 -16.51 -12.31
C ASP A 349 -3.58 -16.15 -13.76
N LEU A 350 -4.83 -16.20 -14.18
CA LEU A 350 -5.25 -15.86 -15.54
C LEU A 350 -6.41 -14.89 -15.49
N SER A 351 -6.26 -13.84 -14.69
CA SER A 351 -7.42 -13.06 -14.26
C SER A 351 -7.93 -12.13 -15.35
N TYR A 352 -7.15 -11.13 -15.73
CA TYR A 352 -7.69 -10.03 -16.53
C TYR A 352 -7.66 -10.30 -18.02
N ASN A 353 -7.64 -11.57 -18.42
CA ASN A 353 -7.76 -11.94 -19.82
C ASN A 353 -9.23 -11.89 -20.22
N ASN A 354 -9.57 -12.40 -21.39
CA ASN A 354 -10.96 -12.63 -21.78
C ASN A 354 -11.08 -14.10 -22.18
N ILE A 355 -11.28 -14.95 -21.19
CA ILE A 355 -11.38 -16.39 -21.37
C ILE A 355 -12.85 -16.78 -21.31
N ARG A 356 -13.32 -17.48 -22.34
CA ARG A 356 -14.73 -17.84 -22.44
C ARG A 356 -15.03 -19.20 -21.85
N ASP A 357 -14.18 -20.19 -22.11
CA ASP A 357 -14.39 -21.55 -21.64
C ASP A 357 -13.23 -21.99 -20.77
N LEU A 358 -13.54 -22.79 -19.76
CA LEU A 358 -12.53 -23.36 -18.88
C LEU A 358 -12.22 -24.79 -19.30
N PRO A 359 -10.95 -25.15 -19.44
CA PRO A 359 -10.61 -26.52 -19.79
C PRO A 359 -10.78 -27.44 -18.60
N SER A 360 -10.71 -28.74 -18.86
CA SER A 360 -10.76 -29.72 -17.78
C SER A 360 -9.45 -29.69 -17.02
N PHE A 361 -9.52 -29.38 -15.73
CA PHE A 361 -8.33 -29.30 -14.89
C PHE A 361 -7.89 -30.66 -14.36
N ASN A 362 -8.27 -31.74 -15.02
CA ASN A 362 -7.80 -33.07 -14.64
C ASN A 362 -6.27 -33.08 -14.67
N GLY A 363 -5.68 -33.60 -13.61
CA GLY A 363 -4.27 -33.38 -13.36
C GLY A 363 -4.09 -32.21 -12.41
N CYS A 364 -2.89 -31.62 -12.46
CA CYS A 364 -2.55 -30.49 -11.61
C CYS A 364 -2.81 -30.81 -10.14
N HIS A 365 -2.25 -31.93 -9.69
CA HIS A 365 -2.43 -32.37 -8.30
C HIS A 365 -1.80 -31.41 -7.31
N ALA A 366 -0.80 -30.64 -7.73
CA ALA A 366 -0.14 -29.69 -6.85
C ALA A 366 -0.79 -28.31 -6.87
N LEU A 367 -1.76 -28.08 -7.74
CA LEU A 367 -2.34 -26.75 -7.89
C LEU A 367 -3.14 -26.37 -6.65
N GLU A 368 -2.85 -25.19 -6.11
CA GLU A 368 -3.47 -24.72 -4.87
C GLU A 368 -4.37 -23.52 -5.07
N GLU A 369 -3.89 -22.51 -5.80
CA GLU A 369 -4.65 -21.29 -6.03
C GLU A 369 -4.91 -21.11 -7.51
N ILE A 370 -6.17 -20.87 -7.86
CA ILE A 370 -6.58 -20.52 -9.21
C ILE A 370 -7.29 -19.17 -9.14
N SER A 371 -6.85 -18.23 -9.95
CA SER A 371 -7.45 -16.90 -10.01
C SER A 371 -7.95 -16.65 -11.43
N LEU A 372 -9.27 -16.66 -11.61
CA LEU A 372 -9.89 -16.42 -12.90
C LEU A 372 -10.84 -15.23 -12.90
N GLN A 373 -10.65 -14.32 -11.96
CA GLN A 373 -11.53 -13.17 -11.85
C GLN A 373 -11.37 -12.23 -13.04
N ARG A 374 -12.43 -11.49 -13.35
CA ARG A 374 -12.47 -10.47 -14.39
C ARG A 374 -12.41 -11.05 -15.81
N ASN A 375 -12.60 -12.34 -15.98
CA ASN A 375 -12.71 -12.92 -17.31
C ASN A 375 -14.18 -12.87 -17.74
N GLN A 376 -14.52 -13.57 -18.82
CA GLN A 376 -15.90 -13.67 -19.30
C GLN A 376 -16.24 -15.15 -19.43
N ILE A 377 -16.61 -15.76 -18.31
CA ILE A 377 -16.94 -17.18 -18.24
C ILE A 377 -18.42 -17.28 -17.90
N TYR A 378 -19.17 -18.00 -18.72
CA TYR A 378 -20.61 -18.01 -18.58
C TYR A 378 -21.16 -19.20 -17.82
N GLN A 379 -20.40 -20.27 -17.65
CA GLN A 379 -20.90 -21.43 -16.92
C GLN A 379 -19.74 -22.21 -16.34
N ILE A 380 -20.07 -23.05 -15.35
CA ILE A 380 -19.12 -23.98 -14.75
C ILE A 380 -19.70 -25.38 -14.89
N LYS A 381 -18.96 -26.25 -15.58
CA LYS A 381 -19.43 -27.60 -15.84
C LYS A 381 -19.19 -28.48 -14.62
N GLU A 382 -19.77 -29.70 -14.67
CA GLU A 382 -19.59 -30.64 -13.57
C GLU A 382 -18.13 -31.04 -13.42
N GLY A 383 -17.44 -31.27 -14.53
CA GLY A 383 -16.07 -31.73 -14.48
C GLY A 383 -15.03 -30.66 -14.68
N THR A 384 -15.42 -29.39 -14.49
CA THR A 384 -14.47 -28.29 -14.69
C THR A 384 -13.32 -28.39 -13.69
N PHE A 385 -13.61 -28.73 -12.45
CA PHE A 385 -12.61 -28.91 -11.41
C PHE A 385 -12.56 -30.37 -10.95
N GLN A 386 -12.67 -31.29 -11.89
CA GLN A 386 -12.62 -32.72 -11.58
C GLN A 386 -11.29 -33.06 -10.95
N GLY A 387 -11.34 -33.89 -9.90
CA GLY A 387 -10.15 -34.17 -9.13
C GLY A 387 -9.65 -32.91 -8.46
N LEU A 388 -8.48 -32.43 -8.89
CA LEU A 388 -7.94 -31.15 -8.45
C LEU A 388 -7.90 -31.06 -6.92
N ILE A 389 -7.17 -31.99 -6.32
CA ILE A 389 -6.99 -31.99 -4.87
C ILE A 389 -6.08 -30.84 -4.49
N SER A 390 -6.03 -30.52 -3.20
CA SER A 390 -5.15 -29.49 -2.66
C SER A 390 -5.48 -28.10 -3.18
N LEU A 391 -6.66 -27.91 -3.77
CA LEU A 391 -7.10 -26.59 -4.20
C LEU A 391 -7.66 -25.84 -3.00
N ARG A 392 -6.94 -24.83 -2.53
CA ARG A 392 -7.33 -24.08 -1.35
C ARG A 392 -8.11 -22.82 -1.68
N ILE A 393 -7.62 -22.02 -2.64
CA ILE A 393 -8.21 -20.74 -2.98
C ILE A 393 -8.69 -20.79 -4.42
N LEU A 394 -9.95 -20.42 -4.64
CA LEU A 394 -10.54 -20.34 -5.97
C LEU A 394 -11.25 -19.01 -6.11
N ASP A 395 -10.91 -18.27 -7.17
CA ASP A 395 -11.48 -16.95 -7.41
C ASP A 395 -12.18 -16.94 -8.76
N LEU A 396 -13.45 -16.53 -8.76
CA LEU A 396 -14.25 -16.49 -9.98
C LEU A 396 -15.08 -15.21 -10.06
N SER A 397 -14.70 -14.16 -9.37
CA SER A 397 -15.49 -12.95 -9.33
C SER A 397 -15.43 -12.21 -10.66
N ARG A 398 -16.39 -11.32 -10.87
CA ARG A 398 -16.44 -10.41 -12.01
C ARG A 398 -16.61 -11.14 -13.35
N ASN A 399 -17.02 -12.41 -13.32
CA ASN A 399 -17.28 -13.16 -14.53
C ASN A 399 -18.76 -13.04 -14.90
N LEU A 400 -19.20 -13.87 -15.85
CA LEU A 400 -20.59 -13.88 -16.30
C LEU A 400 -21.25 -15.22 -16.02
N ILE A 401 -20.87 -15.88 -14.93
CA ILE A 401 -21.28 -17.25 -14.68
C ILE A 401 -22.74 -17.29 -14.27
N HIS A 402 -23.62 -17.60 -15.22
CA HIS A 402 -25.04 -17.72 -14.93
C HIS A 402 -25.44 -19.14 -14.50
N GLU A 403 -24.52 -20.09 -14.55
CA GLU A 403 -24.85 -21.48 -14.23
C GLU A 403 -23.66 -22.16 -13.58
N ILE A 404 -23.89 -22.76 -12.43
CA ILE A 404 -22.93 -23.64 -11.78
C ILE A 404 -23.61 -24.98 -11.57
N HIS A 405 -22.96 -26.05 -12.04
CA HIS A 405 -23.53 -27.38 -11.87
C HIS A 405 -23.61 -27.73 -10.39
N SER A 406 -24.58 -28.57 -10.05
CA SER A 406 -24.81 -28.91 -8.65
C SER A 406 -23.58 -29.59 -8.04
N ARG A 407 -22.95 -30.48 -8.78
CA ARG A 407 -21.77 -31.20 -8.32
C ARG A 407 -20.47 -30.59 -8.83
N ALA A 408 -20.48 -29.29 -9.16
CA ALA A 408 -19.28 -28.65 -9.69
C ALA A 408 -18.16 -28.66 -8.66
N PHE A 409 -18.47 -28.37 -7.40
CA PHE A 409 -17.49 -28.34 -6.33
C PHE A 409 -17.48 -29.61 -5.50
N ALA A 410 -18.22 -30.65 -5.93
CA ALA A 410 -18.33 -31.86 -5.13
C ALA A 410 -17.00 -32.57 -5.00
N THR A 411 -16.23 -32.64 -6.08
CA THR A 411 -14.99 -33.41 -6.09
C THR A 411 -13.79 -32.63 -5.55
N LEU A 412 -13.97 -31.37 -5.16
CA LEU A 412 -12.87 -30.60 -4.60
C LEU A 412 -12.46 -31.15 -3.24
N GLY A 413 -11.17 -31.05 -2.95
CA GLY A 413 -10.64 -31.47 -1.67
C GLY A 413 -10.78 -30.39 -0.63
N PRO A 414 -9.70 -30.08 0.08
CA PRO A 414 -9.75 -29.04 1.10
C PRO A 414 -9.72 -27.65 0.50
N ILE A 415 -10.87 -26.97 0.46
CA ILE A 415 -10.99 -25.65 -0.14
C ILE A 415 -11.41 -24.66 0.94
N THR A 416 -10.70 -23.54 1.01
CA THR A 416 -10.90 -22.56 2.07
C THR A 416 -11.64 -21.32 1.60
N ASN A 417 -11.18 -20.69 0.53
CA ASN A 417 -11.78 -19.45 0.03
C ASN A 417 -12.52 -19.73 -1.26
N LEU A 418 -13.73 -19.15 -1.38
CA LEU A 418 -14.49 -19.20 -2.62
C LEU A 418 -15.08 -17.83 -2.89
N ASP A 419 -14.85 -17.32 -4.10
CA ASP A 419 -15.26 -15.97 -4.47
C ASP A 419 -15.98 -16.04 -5.81
N VAL A 420 -17.30 -15.83 -5.79
CA VAL A 420 -18.10 -15.82 -7.00
C VAL A 420 -18.89 -14.51 -7.07
N SER A 421 -18.30 -13.45 -6.50
CA SER A 421 -18.98 -12.17 -6.43
C SER A 421 -19.16 -11.57 -7.84
N PHE A 422 -20.28 -10.87 -8.02
CA PHE A 422 -20.60 -10.17 -9.26
C PHE A 422 -20.55 -11.12 -10.45
N ASN A 423 -21.41 -12.14 -10.42
CA ASN A 423 -21.37 -13.19 -11.43
C ASN A 423 -22.70 -13.51 -12.09
N GLU A 424 -23.77 -12.81 -11.75
CA GLU A 424 -25.08 -13.04 -12.36
C GLU A 424 -25.54 -14.48 -12.13
N LEU A 425 -25.77 -14.81 -10.86
CA LEU A 425 -26.15 -16.15 -10.47
C LEU A 425 -27.58 -16.16 -9.94
N THR A 426 -28.29 -17.26 -10.23
CA THR A 426 -29.63 -17.48 -9.69
C THR A 426 -29.69 -18.60 -8.66
N SER A 427 -28.77 -19.55 -8.72
CA SER A 427 -28.70 -20.64 -7.74
C SER A 427 -27.24 -20.88 -7.41
N PHE A 428 -27.00 -21.43 -6.21
CA PHE A 428 -25.65 -21.72 -5.75
C PHE A 428 -25.61 -23.12 -5.17
N PRO A 429 -24.76 -24.01 -5.68
CA PRO A 429 -24.67 -25.36 -5.12
C PRO A 429 -24.00 -25.36 -3.76
N THR A 430 -24.29 -26.40 -2.98
CA THR A 430 -23.76 -26.51 -1.63
C THR A 430 -22.92 -27.76 -1.39
N GLU A 431 -23.01 -28.77 -2.26
CA GLU A 431 -22.28 -30.01 -2.03
C GLU A 431 -20.78 -29.77 -2.17
N GLY A 432 -20.01 -30.31 -1.23
CA GLY A 432 -18.57 -30.20 -1.27
C GLY A 432 -18.00 -28.93 -0.70
N LEU A 433 -18.84 -28.01 -0.22
CA LEU A 433 -18.40 -26.73 0.31
C LEU A 433 -18.54 -26.64 1.83
N ASN A 434 -18.56 -27.78 2.52
CA ASN A 434 -18.71 -27.75 3.97
C ASN A 434 -17.45 -27.24 4.65
N GLY A 435 -16.29 -27.43 4.04
CA GLY A 435 -15.03 -27.01 4.62
C GLY A 435 -14.62 -25.58 4.36
N LEU A 436 -15.48 -24.79 3.72
CA LEU A 436 -15.13 -23.41 3.41
C LEU A 436 -14.92 -22.60 4.69
N ASN A 437 -13.97 -21.67 4.64
CA ASN A 437 -13.80 -20.68 5.68
C ASN A 437 -14.17 -19.28 5.25
N GLN A 438 -14.37 -19.06 3.94
CA GLN A 438 -14.74 -17.74 3.44
C GLN A 438 -15.44 -17.89 2.12
N LEU A 439 -16.63 -17.29 2.01
CA LEU A 439 -17.44 -17.33 0.80
C LEU A 439 -17.86 -15.91 0.45
N LYS A 440 -17.83 -15.57 -0.83
CA LYS A 440 -18.18 -14.23 -1.29
C LYS A 440 -19.13 -14.33 -2.47
N LEU A 441 -20.32 -13.73 -2.33
CA LEU A 441 -21.35 -13.74 -3.36
C LEU A 441 -22.05 -12.40 -3.48
N VAL A 442 -21.33 -11.30 -3.23
CA VAL A 442 -21.99 -10.03 -2.91
C VAL A 442 -22.76 -9.46 -4.09
N GLY A 443 -22.29 -9.65 -5.32
CA GLY A 443 -22.88 -8.95 -6.44
C GLY A 443 -23.90 -9.70 -7.27
N ASN A 444 -24.44 -10.79 -6.74
CA ASN A 444 -25.39 -11.63 -7.48
C ASN A 444 -26.81 -11.26 -7.05
N PHE A 445 -27.31 -10.16 -7.62
CA PHE A 445 -28.61 -9.65 -7.22
C PHE A 445 -29.76 -10.56 -7.64
N LYS A 446 -29.54 -11.46 -8.59
CA LYS A 446 -30.57 -12.41 -9.00
C LYS A 446 -30.60 -13.63 -8.11
N LEU A 447 -29.69 -13.73 -7.13
CA LEU A 447 -29.63 -14.87 -6.22
C LEU A 447 -30.46 -14.53 -4.99
N LYS A 448 -31.74 -14.89 -5.02
CA LYS A 448 -32.69 -14.53 -3.99
C LYS A 448 -32.98 -15.65 -3.00
N GLU A 449 -32.56 -16.88 -3.29
CA GLU A 449 -32.79 -17.96 -2.35
C GLU A 449 -31.92 -17.80 -1.12
N ALA A 450 -32.28 -18.54 -0.06
CA ALA A 450 -31.58 -18.46 1.21
C ALA A 450 -30.63 -19.63 1.35
N LEU A 451 -29.38 -19.35 1.71
CA LEU A 451 -28.39 -20.39 1.91
C LEU A 451 -28.67 -21.14 3.22
N ALA A 452 -28.69 -22.46 3.14
CA ALA A 452 -28.87 -23.27 4.35
C ALA A 452 -27.58 -23.27 5.16
N ALA A 453 -27.71 -23.02 6.46
CA ALA A 453 -26.54 -22.96 7.33
C ALA A 453 -26.08 -24.33 7.80
N LYS A 454 -26.82 -25.39 7.51
CA LYS A 454 -26.41 -26.74 7.88
C LYS A 454 -25.33 -27.30 6.98
N ASP A 455 -24.99 -26.60 5.89
CA ASP A 455 -23.96 -27.04 4.96
C ASP A 455 -22.60 -26.41 5.27
N PHE A 456 -22.58 -25.10 5.51
CA PHE A 456 -21.32 -24.37 5.74
C PHE A 456 -21.01 -24.35 7.23
N VAL A 457 -20.75 -25.55 7.76
CA VAL A 457 -20.48 -25.70 9.18
C VAL A 457 -19.18 -25.01 9.58
N ASN A 458 -18.17 -25.05 8.72
CA ASN A 458 -16.87 -24.46 9.01
C ASN A 458 -16.76 -23.02 8.55
N LEU A 459 -17.84 -22.42 8.05
CA LEU A 459 -17.77 -21.07 7.52
C LEU A 459 -17.45 -20.07 8.62
N ARG A 460 -16.57 -19.13 8.30
CA ARG A 460 -16.18 -18.07 9.23
C ARG A 460 -16.39 -16.67 8.69
N SER A 461 -16.48 -16.49 7.38
CA SER A 461 -16.81 -15.20 6.79
C SER A 461 -17.78 -15.43 5.64
N LEU A 462 -18.60 -14.43 5.37
CA LEU A 462 -19.60 -14.59 4.32
C LEU A 462 -19.99 -13.22 3.78
N SER A 463 -20.24 -13.15 2.48
CA SER A 463 -20.82 -11.99 1.83
C SER A 463 -21.97 -12.48 0.96
N VAL A 464 -23.13 -11.85 1.10
CA VAL A 464 -24.31 -12.27 0.35
C VAL A 464 -24.93 -11.04 -0.31
N PRO A 465 -25.63 -11.21 -1.43
CA PRO A 465 -26.23 -10.03 -2.09
C PRO A 465 -27.24 -9.29 -1.25
N TYR A 466 -27.99 -9.98 -0.40
CA TYR A 466 -29.02 -9.36 0.41
C TYR A 466 -28.77 -9.67 1.89
N ALA A 467 -29.16 -8.73 2.75
CA ALA A 467 -28.92 -8.87 4.18
C ALA A 467 -29.82 -9.90 4.84
N TYR A 468 -30.85 -10.39 4.15
CA TYR A 468 -31.73 -11.39 4.74
C TYR A 468 -31.25 -12.82 4.50
N GLN A 469 -30.24 -13.01 3.66
CA GLN A 469 -29.70 -14.34 3.43
C GLN A 469 -28.69 -14.75 4.48
N CYS A 470 -28.19 -13.81 5.28
CA CYS A 470 -27.28 -14.11 6.38
C CYS A 470 -28.02 -14.35 7.69
N CYS A 471 -29.35 -14.41 7.64
CA CYS A 471 -30.14 -14.69 8.85
C CYS A 471 -29.85 -16.08 9.37
N ALA A 472 -29.76 -17.08 8.48
CA ALA A 472 -29.62 -18.46 8.92
C ALA A 472 -28.30 -18.71 9.65
N PHE A 473 -27.35 -17.80 9.54
CA PHE A 473 -26.07 -17.94 10.22
C PHE A 473 -25.98 -17.12 11.50
N TRP A 474 -26.84 -16.11 11.66
CA TRP A 474 -26.85 -15.24 12.84
C TRP A 474 -25.47 -14.67 13.13
N GLY A 475 -24.92 -15.00 14.29
CA GLY A 475 -23.59 -14.57 14.66
C GLY A 475 -22.73 -15.72 15.15
N ILE A 518 -18.77 -21.89 16.10
CA ILE A 518 -18.03 -20.65 15.89
C ILE A 518 -18.97 -19.53 15.49
N ILE A 519 -18.43 -18.33 15.36
CA ILE A 519 -19.21 -17.13 15.04
C ILE A 519 -18.85 -16.69 13.63
N ILE A 520 -19.87 -16.51 12.79
CA ILE A 520 -19.70 -16.12 11.40
C ILE A 520 -19.88 -14.61 11.29
N HIS A 521 -19.09 -13.99 10.41
CA HIS A 521 -19.20 -12.56 10.14
C HIS A 521 -19.71 -12.38 8.71
N CYS A 522 -20.82 -11.66 8.56
CA CYS A 522 -21.48 -11.48 7.28
C CYS A 522 -21.40 -10.02 6.85
N THR A 523 -21.04 -9.79 5.59
CA THR A 523 -20.78 -8.43 5.12
C THR A 523 -22.01 -7.52 5.19
N PRO A 524 -23.18 -7.87 4.63
CA PRO A 524 -24.35 -7.00 4.77
C PRO A 524 -25.04 -7.27 6.11
N SER A 525 -24.90 -6.31 7.03
CA SER A 525 -25.36 -6.53 8.40
C SER A 525 -26.87 -6.65 8.46
N THR A 526 -27.35 -7.58 9.29
CA THR A 526 -28.77 -7.70 9.56
C THR A 526 -29.29 -6.44 10.21
N GLY A 527 -28.79 -6.12 11.40
CA GLY A 527 -29.13 -4.85 12.03
C GLY A 527 -30.60 -4.73 12.36
N ALA A 528 -31.08 -3.49 12.41
CA ALA A 528 -32.46 -3.18 12.74
C ALA A 528 -33.31 -2.77 11.55
N PHE A 529 -32.71 -2.17 10.53
CA PHE A 529 -33.44 -1.82 9.31
C PHE A 529 -33.49 -2.95 8.30
N LYS A 530 -32.91 -4.11 8.63
CA LYS A 530 -33.12 -5.34 7.88
C LYS A 530 -33.50 -6.41 8.90
N PRO A 531 -34.71 -6.33 9.45
CA PRO A 531 -35.08 -7.24 10.55
C PRO A 531 -35.03 -8.69 10.14
N CYS A 532 -34.60 -9.54 11.07
CA CYS A 532 -34.47 -10.95 10.75
C CYS A 532 -35.71 -11.75 11.12
N GLU A 533 -36.35 -11.42 12.24
CA GLU A 533 -37.51 -12.17 12.70
C GLU A 533 -38.81 -11.37 12.68
N TYR A 534 -38.83 -10.20 13.33
CA TYR A 534 -40.05 -9.42 13.47
C TYR A 534 -39.88 -8.08 12.76
N LEU A 535 -40.87 -7.70 11.96
CA LEU A 535 -40.78 -6.47 11.18
C LEU A 535 -40.82 -5.24 12.08
N LEU A 536 -41.93 -5.06 12.81
CA LEU A 536 -42.08 -3.87 13.65
C LEU A 536 -41.12 -3.90 14.83
N GLY A 537 -40.92 -5.07 15.43
CA GLY A 537 -40.01 -5.20 16.55
C GLY A 537 -40.68 -5.71 17.81
N SER A 538 -40.52 -4.99 18.91
CA SER A 538 -41.07 -5.42 20.19
C SER A 538 -42.58 -5.27 20.22
N TRP A 539 -43.19 -5.92 21.20
CA TRP A 539 -44.64 -5.83 21.36
C TRP A 539 -45.09 -4.41 21.67
N MET A 540 -44.24 -3.62 22.32
CA MET A 540 -44.60 -2.24 22.62
C MET A 540 -44.81 -1.44 21.34
N ILE A 541 -43.82 -1.49 20.45
CA ILE A 541 -43.94 -0.79 19.17
C ILE A 541 -45.07 -1.40 18.35
N ARG A 542 -45.24 -2.71 18.42
CA ARG A 542 -46.30 -3.36 17.66
C ARG A 542 -47.67 -2.85 18.07
N LEU A 543 -47.93 -2.78 19.38
CA LEU A 543 -49.20 -2.28 19.87
C LEU A 543 -49.37 -0.79 19.58
N THR A 544 -48.29 -0.02 19.70
CA THR A 544 -48.37 1.41 19.38
C THR A 544 -48.80 1.61 17.92
N VAL A 545 -48.16 0.89 17.00
CA VAL A 545 -48.48 1.05 15.59
C VAL A 545 -49.88 0.53 15.28
N TRP A 546 -50.30 -0.56 15.95
CA TRP A 546 -51.67 -1.05 15.77
C TRP A 546 -52.68 -0.01 16.21
N PHE A 547 -52.46 0.60 17.37
CA PHE A 547 -53.37 1.63 17.86
C PHE A 547 -53.40 2.83 16.93
N ILE A 548 -52.23 3.25 16.45
CA ILE A 548 -52.17 4.37 15.51
C ILE A 548 -52.96 4.05 14.24
N PHE A 549 -52.77 2.84 13.71
CA PHE A 549 -53.48 2.45 12.49
C PHE A 549 -54.98 2.48 12.70
N LEU A 550 -55.46 1.88 13.79
CA LEU A 550 -56.90 1.84 14.03
C LEU A 550 -57.48 3.23 14.22
N VAL A 551 -56.82 4.06 15.03
CA VAL A 551 -57.32 5.41 15.28
C VAL A 551 -57.34 6.21 13.99
N ALA A 552 -56.25 6.17 13.23
CA ALA A 552 -56.19 6.92 11.98
C ALA A 552 -57.30 6.47 11.04
N LEU A 553 -57.43 5.17 10.81
CA LEU A 553 -58.43 4.68 9.87
C LEU A 553 -59.83 5.12 10.29
N PHE A 554 -60.22 4.83 11.53
CA PHE A 554 -61.60 5.06 11.94
C PHE A 554 -61.92 6.55 12.03
N PHE A 555 -61.04 7.34 12.64
CA PHE A 555 -61.33 8.77 12.78
C PHE A 555 -61.26 9.50 11.45
N ASN A 556 -60.35 9.11 10.55
CA ASN A 556 -60.34 9.70 9.22
C ASN A 556 -61.60 9.37 8.47
N LEU A 557 -62.08 8.12 8.57
CA LEU A 557 -63.35 7.79 7.93
C LEU A 557 -64.48 8.63 8.50
N LEU A 558 -64.50 8.80 9.83
CA LEU A 558 -65.56 9.60 10.46
C LEU A 558 -65.52 11.04 9.96
N VAL A 559 -64.34 11.65 9.95
CA VAL A 559 -64.20 13.04 9.53
C VAL A 559 -64.61 13.20 8.07
N ILE A 560 -64.15 12.29 7.20
CA ILE A 560 -64.48 12.37 5.78
C ILE A 560 -65.99 12.25 5.58
N LEU A 561 -66.60 11.28 6.24
CA LEU A 561 -68.04 11.07 6.05
C LEU A 561 -68.84 12.26 6.55
N THR A 562 -68.47 12.80 7.73
CA THR A 562 -69.21 13.96 8.25
C THR A 562 -69.01 15.18 7.37
N THR A 563 -67.79 15.42 6.89
CA THR A 563 -67.54 16.63 6.10
C THR A 563 -68.20 16.56 4.73
N PHE A 564 -68.18 15.39 4.09
CA PHE A 564 -68.69 15.24 2.74
C PHE A 564 -70.10 14.66 2.69
N ALA A 565 -70.76 14.52 3.84
CA ALA A 565 -72.13 14.03 3.83
C ALA A 565 -73.11 15.11 3.34
N SER A 566 -72.90 16.35 3.79
CA SER A 566 -73.81 17.42 3.38
C SER A 566 -73.68 17.72 1.89
N CYS A 567 -72.45 17.85 1.40
CA CYS A 567 -72.15 18.13 -0.01
C CYS A 567 -72.98 19.28 -0.56
N THR A 568 -73.32 20.25 0.29
CA THR A 568 -74.06 21.43 -0.12
C THR A 568 -73.23 22.70 0.01
N SER A 569 -72.69 22.97 1.20
CA SER A 569 -71.83 24.13 1.42
C SER A 569 -70.42 23.64 1.71
N LEU A 570 -69.46 24.11 0.93
CA LEU A 570 -68.06 23.69 1.05
C LEU A 570 -67.16 24.91 1.13
N PRO A 571 -67.06 25.54 2.30
CA PRO A 571 -66.07 26.62 2.47
C PRO A 571 -64.66 26.07 2.37
N SER A 572 -63.71 27.00 2.18
CA SER A 572 -62.33 26.60 1.93
C SER A 572 -61.75 25.85 3.12
N SER A 573 -62.04 26.30 4.34
CA SER A 573 -61.55 25.61 5.52
C SER A 573 -62.11 24.19 5.61
N LYS A 574 -63.40 24.03 5.33
CA LYS A 574 -64.02 22.70 5.33
C LYS A 574 -63.36 21.80 4.30
N LEU A 575 -63.12 22.33 3.10
CA LEU A 575 -62.47 21.54 2.05
C LEU A 575 -61.08 21.12 2.47
N PHE A 576 -60.30 22.04 3.05
CA PHE A 576 -58.94 21.71 3.46
C PHE A 576 -58.94 20.66 4.56
N ILE A 577 -59.87 20.78 5.52
CA ILE A 577 -59.95 19.78 6.58
C ILE A 577 -60.27 18.41 6.00
N GLY A 578 -61.24 18.35 5.07
CA GLY A 578 -61.59 17.07 4.47
C GLY A 578 -60.44 16.46 3.68
N LEU A 579 -59.70 17.29 2.93
CA LEU A 579 -58.61 16.76 2.13
C LEU A 579 -57.45 16.30 3.02
N ILE A 580 -57.16 17.03 4.10
CA ILE A 580 -56.16 16.57 5.05
C ILE A 580 -56.60 15.24 5.66
N SER A 581 -57.89 15.08 5.93
CA SER A 581 -58.39 13.81 6.44
C SER A 581 -58.19 12.70 5.42
N VAL A 582 -58.37 13.00 4.13
CA VAL A 582 -58.16 11.98 3.10
C VAL A 582 -56.70 11.54 3.07
N SER A 583 -55.78 12.51 3.11
CA SER A 583 -54.36 12.16 3.12
C SER A 583 -54.00 11.35 4.36
N ASN A 584 -54.57 11.72 5.51
CA ASN A 584 -54.33 10.95 6.73
C ASN A 584 -54.88 9.54 6.61
N LEU A 585 -56.03 9.38 5.93
CA LEU A 585 -56.57 8.05 5.70
C LEU A 585 -55.63 7.20 4.86
N PHE A 586 -55.02 7.81 3.84
CA PHE A 586 -54.04 7.06 3.05
C PHE A 586 -52.82 6.67 3.87
N MET A 587 -52.36 7.58 4.75
CA MET A 587 -51.27 7.22 5.66
C MET A 587 -51.67 6.07 6.56
N GLY A 588 -52.90 6.07 7.05
CA GLY A 588 -53.38 4.96 7.85
C GLY A 588 -53.44 3.66 7.09
N ILE A 589 -53.77 3.73 5.80
CA ILE A 589 -53.74 2.54 4.95
C ILE A 589 -52.32 2.00 4.86
N TYR A 590 -51.34 2.89 4.70
CA TYR A 590 -49.94 2.45 4.69
C TYR A 590 -49.56 1.78 6.01
N THR A 591 -49.97 2.38 7.12
CA THR A 591 -49.67 1.80 8.43
C THR A 591 -50.32 0.43 8.60
N GLY A 592 -51.55 0.28 8.08
CA GLY A 592 -52.20 -1.02 8.14
C GLY A 592 -51.50 -2.05 7.29
N ILE A 593 -50.99 -1.64 6.13
CA ILE A 593 -50.16 -2.53 5.33
C ILE A 593 -48.99 -3.04 6.15
N LEU A 594 -48.29 -2.13 6.83
CA LEU A 594 -47.15 -2.53 7.66
C LEU A 594 -47.57 -3.48 8.77
N THR A 595 -48.68 -3.18 9.45
CA THR A 595 -49.10 -4.02 10.58
C THR A 595 -49.50 -5.41 10.11
N PHE A 596 -50.24 -5.52 9.01
CA PHE A 596 -50.64 -6.83 8.53
C PHE A 596 -49.43 -7.63 8.03
N LEU A 597 -48.48 -6.98 7.37
CA LEU A 597 -47.27 -7.68 6.95
C LEU A 597 -46.49 -8.18 8.16
N ASP A 598 -46.37 -7.35 9.19
CA ASP A 598 -45.67 -7.79 10.40
C ASP A 598 -46.39 -8.96 11.05
N ALA A 599 -47.72 -8.92 11.08
CA ALA A 599 -48.48 -10.01 11.69
C ALA A 599 -48.29 -11.32 10.93
N VAL A 600 -48.40 -11.26 9.60
CA VAL A 600 -48.31 -12.49 8.81
C VAL A 600 -46.89 -13.04 8.83
N SER A 601 -45.88 -12.17 8.81
CA SER A 601 -44.49 -12.60 8.92
C SER A 601 -44.01 -12.46 10.36
N TRP A 602 -44.65 -13.21 11.25
CA TRP A 602 -44.37 -13.14 12.67
C TRP A 602 -43.25 -14.12 13.00
N GLY A 603 -42.05 -13.61 13.23
CA GLY A 603 -40.90 -14.43 13.55
C GLY A 603 -40.21 -15.05 12.37
N ARG A 604 -40.72 -14.85 11.15
CA ARG A 604 -40.13 -15.43 9.95
C ARG A 604 -39.91 -14.37 8.87
N PHE A 605 -39.60 -13.14 9.27
CA PHE A 605 -39.46 -12.09 8.27
C PHE A 605 -38.20 -12.25 7.42
N ALA A 606 -37.29 -13.14 7.79
CA ALA A 606 -36.15 -13.43 6.92
C ALA A 606 -36.63 -14.00 5.59
N GLU A 607 -37.62 -14.88 5.63
CA GLU A 607 -38.16 -15.50 4.43
C GLU A 607 -38.99 -14.53 3.59
N PHE A 608 -39.37 -13.38 4.15
CA PHE A 608 -40.19 -12.41 3.43
C PHE A 608 -39.42 -11.16 3.02
N GLY A 609 -38.26 -10.90 3.60
CA GLY A 609 -37.63 -9.60 3.42
C GLY A 609 -37.20 -9.34 1.98
N ILE A 610 -36.54 -10.33 1.37
CA ILE A 610 -36.06 -10.14 0.00
C ILE A 610 -37.24 -9.96 -0.96
N TRP A 611 -38.25 -10.81 -0.82
CA TRP A 611 -39.43 -10.72 -1.68
C TRP A 611 -40.14 -9.38 -1.49
N TRP A 612 -40.28 -8.93 -0.25
CA TRP A 612 -40.98 -7.68 0.02
C TRP A 612 -40.21 -6.49 -0.54
N GLU A 613 -38.89 -6.45 -0.34
CA GLU A 613 -38.12 -5.29 -0.78
C GLU A 613 -37.93 -5.27 -2.29
N THR A 614 -37.91 -6.43 -2.95
CA THR A 614 -37.70 -6.47 -4.38
C THR A 614 -38.99 -6.49 -5.20
N GLY A 615 -40.12 -6.81 -4.58
CA GLY A 615 -41.38 -6.86 -5.29
C GLY A 615 -42.03 -5.49 -5.38
N SER A 616 -43.28 -5.49 -5.84
CA SER A 616 -44.05 -4.27 -6.00
C SER A 616 -44.70 -3.80 -4.70
N GLY A 617 -44.75 -4.66 -3.67
CA GLY A 617 -45.38 -4.25 -2.42
C GLY A 617 -44.67 -3.10 -1.75
N CYS A 618 -43.34 -3.14 -1.72
CA CYS A 618 -42.58 -2.05 -1.11
C CYS A 618 -42.73 -0.77 -1.93
N LYS A 619 -42.79 -0.89 -3.25
CA LYS A 619 -43.02 0.29 -4.09
C LYS A 619 -44.36 0.92 -3.80
N VAL A 620 -45.41 0.10 -3.68
CA VAL A 620 -46.74 0.62 -3.39
C VAL A 620 -46.76 1.28 -2.02
N ALA A 621 -46.16 0.63 -1.02
CA ALA A 621 -46.15 1.19 0.32
C ALA A 621 -45.39 2.50 0.37
N GLY A 622 -44.24 2.58 -0.29
CA GLY A 622 -43.48 3.82 -0.31
C GLY A 622 -44.22 4.94 -1.01
N PHE A 623 -44.88 4.62 -2.13
CA PHE A 623 -45.68 5.63 -2.80
C PHE A 623 -46.79 6.15 -1.89
N LEU A 624 -47.48 5.24 -1.21
CA LEU A 624 -48.55 5.64 -0.30
C LEU A 624 -48.02 6.55 0.79
N ALA A 625 -46.91 6.17 1.42
CA ALA A 625 -46.37 6.95 2.53
C ALA A 625 -45.95 8.33 2.08
N VAL A 626 -45.16 8.41 1.00
CA VAL A 626 -44.66 9.70 0.54
C VAL A 626 -45.80 10.58 0.07
N PHE A 627 -46.75 10.01 -0.68
CA PHE A 627 -47.90 10.77 -1.14
C PHE A 627 -48.70 11.33 0.02
N SER A 628 -48.98 10.50 1.03
CA SER A 628 -49.76 10.97 2.17
C SER A 628 -49.04 12.10 2.89
N SER A 629 -47.75 11.93 3.17
CA SER A 629 -47.03 12.96 3.91
C SER A 629 -46.98 14.28 3.14
N GLU A 630 -46.60 14.21 1.86
CA GLU A 630 -46.46 15.44 1.09
C GLU A 630 -47.81 16.11 0.84
N SER A 631 -48.85 15.32 0.59
CA SER A 631 -50.18 15.91 0.41
C SER A 631 -50.65 16.60 1.68
N ALA A 632 -50.39 15.99 2.84
CA ALA A 632 -50.75 16.64 4.10
C ALA A 632 -50.01 17.96 4.25
N ILE A 633 -48.71 17.98 3.95
CA ILE A 633 -47.94 19.20 4.11
C ILE A 633 -48.46 20.30 3.19
N PHE A 634 -48.72 19.94 1.92
CA PHE A 634 -49.17 20.94 0.95
C PHE A 634 -50.56 21.47 1.31
N LEU A 635 -51.47 20.59 1.71
CA LEU A 635 -52.80 21.04 2.10
C LEU A 635 -52.73 21.93 3.34
N LEU A 636 -51.83 21.61 4.27
CA LEU A 636 -51.68 22.46 5.45
C LEU A 636 -51.16 23.85 5.06
N MET A 637 -50.20 23.91 4.14
CA MET A 637 -49.71 25.20 3.68
C MET A 637 -50.81 25.99 2.99
N LEU A 638 -51.61 25.32 2.16
CA LEU A 638 -52.73 26.00 1.50
C LEU A 638 -53.74 26.50 2.52
N ALA A 639 -54.00 25.73 3.58
CA ALA A 639 -54.92 26.18 4.61
C ALA A 639 -54.38 27.40 5.34
N THR A 640 -53.09 27.43 5.63
CA THR A 640 -52.50 28.61 6.26
C THR A 640 -52.62 29.83 5.36
N VAL A 641 -52.35 29.67 4.06
CA VAL A 641 -52.48 30.77 3.12
C VAL A 641 -53.92 31.25 3.06
N GLU A 642 -54.88 30.33 3.06
CA GLU A 642 -56.28 30.70 3.04
C GLU A 642 -56.67 31.47 4.28
N ARG A 643 -56.18 31.04 5.45
CA ARG A 643 -56.48 31.75 6.68
C ARG A 643 -55.91 33.16 6.64
N SER A 644 -54.68 33.31 6.13
CA SER A 644 -54.10 34.64 6.01
C SER A 644 -54.91 35.52 5.06
N LEU A 645 -55.34 34.96 3.94
CA LEU A 645 -56.14 35.71 2.98
C LEU A 645 -57.46 36.16 3.59
N SER A 646 -58.12 35.26 4.33
CA SER A 646 -59.39 35.61 4.95
C SER A 646 -59.19 36.67 6.04
N ALA A 647 -58.07 36.59 6.77
CA ALA A 647 -57.77 37.61 7.77
C ALA A 647 -57.55 38.97 7.12
N LYS A 648 -56.81 39.00 6.01
CA LYS A 648 -56.58 40.26 5.31
C LYS A 648 -57.88 40.83 4.75
N ASP A 649 -58.71 39.98 4.15
CA ASP A 649 -59.99 40.41 3.59
C ASP A 649 -60.95 39.24 3.43
N ASN A 657 -64.68 34.41 -2.36
CA ASN A 657 -64.71 34.61 -3.80
C ASN A 657 -63.54 33.89 -4.48
N HIS A 658 -62.74 33.20 -3.69
CA HIS A 658 -61.59 32.46 -4.19
C HIS A 658 -61.75 30.95 -4.01
N LEU A 659 -62.99 30.47 -3.87
CA LEU A 659 -63.20 29.04 -3.66
C LEU A 659 -62.76 28.22 -4.86
N LYS A 660 -63.02 28.71 -6.07
CA LYS A 660 -62.53 28.02 -7.27
C LYS A 660 -61.02 27.98 -7.30
N GLN A 661 -60.38 29.10 -6.95
CA GLN A 661 -58.92 29.14 -6.94
C GLN A 661 -58.35 28.15 -5.92
N PHE A 662 -58.99 28.06 -4.75
CA PHE A 662 -58.50 27.12 -3.74
C PHE A 662 -58.76 25.67 -4.13
N ARG A 663 -59.87 25.40 -4.82
CA ARG A 663 -60.09 24.06 -5.34
C ARG A 663 -59.00 23.67 -6.34
N VAL A 664 -58.67 24.60 -7.25
CA VAL A 664 -57.60 24.34 -8.21
C VAL A 664 -56.27 24.14 -7.48
N ALA A 665 -56.01 24.95 -6.46
CA ALA A 665 -54.76 24.82 -5.71
C ALA A 665 -54.69 23.49 -4.98
N ALA A 666 -55.81 23.02 -4.43
CA ALA A 666 -55.83 21.73 -3.77
C ALA A 666 -55.57 20.60 -4.76
N LEU A 667 -56.19 20.68 -5.95
CA LEU A 667 -55.91 19.69 -6.98
C LEU A 667 -54.44 19.70 -7.37
N LEU A 668 -53.85 20.89 -7.51
CA LEU A 668 -52.43 20.98 -7.84
C LEU A 668 -51.56 20.40 -6.73
N ALA A 669 -51.93 20.63 -5.47
CA ALA A 669 -51.18 20.08 -4.36
C ALA A 669 -51.23 18.55 -4.36
N PHE A 670 -52.41 17.99 -4.61
CA PHE A 670 -52.52 16.54 -4.70
C PHE A 670 -51.68 16.00 -5.86
N LEU A 671 -51.70 16.69 -7.00
CA LEU A 671 -50.89 16.26 -8.14
C LEU A 671 -49.41 16.32 -7.82
N GLY A 672 -48.97 17.37 -7.12
CA GLY A 672 -47.58 17.48 -6.74
C GLY A 672 -47.16 16.37 -5.77
N ALA A 673 -48.03 16.06 -4.81
CA ALA A 673 -47.76 14.93 -3.92
C ALA A 673 -47.66 13.63 -4.70
N THR A 674 -48.55 13.44 -5.68
CA THR A 674 -48.52 12.22 -6.48
C THR A 674 -47.23 12.10 -7.27
N VAL A 675 -46.80 13.19 -7.90
CA VAL A 675 -45.58 13.13 -8.70
C VAL A 675 -44.35 12.94 -7.80
N ALA A 676 -44.35 13.56 -6.62
CA ALA A 676 -43.26 13.37 -5.68
C ALA A 676 -43.20 11.93 -5.20
N GLY A 677 -44.35 11.31 -4.96
CA GLY A 677 -44.37 9.91 -4.58
C GLY A 677 -43.94 8.98 -5.70
N CYS A 678 -44.30 9.32 -6.94
CA CYS A 678 -43.98 8.46 -8.08
C CYS A 678 -42.55 8.63 -8.56
N PHE A 679 -41.89 9.74 -8.21
CA PHE A 679 -40.50 9.93 -8.62
C PHE A 679 -39.56 8.81 -8.18
N PRO A 680 -39.63 8.30 -6.94
CA PRO A 680 -38.75 7.16 -6.59
C PRO A 680 -38.98 5.93 -7.45
N LEU A 681 -40.19 5.74 -7.99
CA LEU A 681 -40.42 4.60 -8.87
C LEU A 681 -39.57 4.69 -10.13
N PHE A 682 -39.49 5.88 -10.73
CA PHE A 682 -38.62 6.06 -11.88
C PHE A 682 -37.16 6.07 -11.48
N HIS A 683 -36.85 6.56 -10.28
CA HIS A 683 -35.50 6.41 -9.74
C HIS A 683 -35.25 4.95 -9.37
N ARG A 684 -34.00 4.63 -9.07
CA ARG A 684 -33.60 3.28 -8.71
C ARG A 684 -32.93 3.27 -7.35
N GLY A 685 -33.29 2.28 -6.53
CA GLY A 685 -32.73 2.14 -5.20
C GLY A 685 -33.39 2.97 -4.12
N GLU A 686 -34.64 3.39 -4.32
CA GLU A 686 -35.31 4.28 -3.39
C GLU A 686 -36.14 3.51 -2.36
N TYR A 687 -37.12 2.75 -2.82
CA TYR A 687 -38.07 2.09 -1.93
C TYR A 687 -37.56 0.76 -1.40
N SER A 688 -36.38 0.31 -1.80
CA SER A 688 -35.82 -0.95 -1.34
C SER A 688 -34.80 -0.77 -0.22
N ALA A 689 -34.70 0.43 0.34
CA ALA A 689 -33.69 0.69 1.37
C ALA A 689 -34.02 -0.06 2.67
N SER A 690 -35.30 -0.25 2.96
CA SER A 690 -35.73 -0.90 4.19
C SER A 690 -37.11 -1.48 3.97
N PRO A 691 -37.52 -2.47 4.77
CA PRO A 691 -38.87 -3.03 4.63
C PRO A 691 -39.98 -2.05 5.01
N LEU A 692 -39.65 -0.94 5.66
CA LEU A 692 -40.62 0.12 5.86
C LEU A 692 -40.96 0.82 4.55
N CYS A 693 -40.13 0.62 3.52
CA CYS A 693 -40.35 1.17 2.18
C CYS A 693 -40.30 2.69 2.16
N LEU A 694 -39.77 3.30 3.20
CA LEU A 694 -39.61 4.76 3.27
C LEU A 694 -38.29 5.15 2.63
N PRO A 695 -38.29 6.05 1.65
CA PRO A 695 -37.04 6.39 0.95
C PRO A 695 -36.05 7.16 1.81
N PHE A 696 -36.49 8.28 2.39
CA PHE A 696 -35.57 9.22 3.01
C PHE A 696 -35.10 8.84 4.43
N PRO A 697 -35.97 8.35 5.34
CA PRO A 697 -35.50 8.20 6.72
C PRO A 697 -34.37 7.21 6.89
N THR A 698 -34.47 6.02 6.29
CA THR A 698 -33.43 5.01 6.48
C THR A 698 -32.17 5.34 5.69
N GLY A 699 -32.32 5.80 4.44
CA GLY A 699 -31.19 6.01 3.57
C GLY A 699 -30.62 7.40 3.69
N GLU A 700 -29.29 7.48 3.80
CA GLU A 700 -28.59 8.76 3.87
C GLU A 700 -27.59 8.95 2.76
N THR A 701 -26.80 7.92 2.43
CA THR A 701 -25.84 8.03 1.34
C THR A 701 -26.53 7.83 -0.01
N PRO A 702 -27.37 6.80 -0.19
CA PRO A 702 -28.15 6.73 -1.44
C PRO A 702 -29.26 7.77 -1.42
N SER A 703 -29.58 8.27 -2.62
CA SER A 703 -30.67 9.23 -2.83
C SER A 703 -30.51 10.45 -1.94
N LEU A 704 -29.26 10.91 -1.78
CA LEU A 704 -29.00 12.08 -0.94
C LEU A 704 -29.71 13.31 -1.49
N GLY A 705 -29.70 13.48 -2.81
CA GLY A 705 -30.40 14.61 -3.41
C GLY A 705 -31.90 14.57 -3.14
N PHE A 706 -32.51 13.40 -3.30
CA PHE A 706 -33.95 13.27 -3.06
C PHE A 706 -34.29 13.56 -1.60
N THR A 707 -33.51 13.01 -0.67
CA THR A 707 -33.75 13.25 0.75
C THR A 707 -33.61 14.74 1.07
N VAL A 708 -32.54 15.38 0.56
CA VAL A 708 -32.32 16.79 0.85
C VAL A 708 -33.44 17.64 0.27
N THR A 709 -33.86 17.34 -0.96
CA THR A 709 -34.93 18.12 -1.58
C THR A 709 -36.21 18.01 -0.78
N LEU A 710 -36.60 16.80 -0.40
CA LEU A 710 -37.85 16.64 0.35
C LEU A 710 -37.77 17.31 1.72
N VAL A 711 -36.66 17.13 2.43
CA VAL A 711 -36.53 17.72 3.76
C VAL A 711 -36.56 19.24 3.68
N LEU A 712 -35.82 19.80 2.73
CA LEU A 712 -35.79 21.26 2.59
C LEU A 712 -37.14 21.81 2.16
N LEU A 713 -37.84 21.11 1.26
CA LEU A 713 -39.16 21.56 0.84
C LEU A 713 -40.13 21.59 2.01
N ASN A 714 -40.13 20.52 2.82
CA ASN A 714 -41.01 20.49 3.98
C ASN A 714 -40.63 21.55 5.00
N SER A 715 -39.33 21.77 5.20
CA SER A 715 -38.89 22.79 6.16
C SER A 715 -39.30 24.18 5.70
N LEU A 716 -39.17 24.47 4.40
CA LEU A 716 -39.59 25.76 3.87
C LEU A 716 -41.10 25.94 4.00
N ALA A 717 -41.87 24.88 3.73
CA ALA A 717 -43.31 24.97 3.90
C ALA A 717 -43.67 25.25 5.35
N PHE A 718 -43.02 24.59 6.29
CA PHE A 718 -43.30 24.82 7.70
C PHE A 718 -42.89 26.23 8.14
N LEU A 719 -41.76 26.72 7.63
CA LEU A 719 -41.34 28.08 7.94
C LEU A 719 -42.34 29.09 7.41
N LEU A 720 -42.85 28.86 6.19
CA LEU A 720 -43.89 29.73 5.64
C LEU A 720 -45.14 29.70 6.49
N MET A 721 -45.56 28.52 6.93
CA MET A 721 -46.71 28.42 7.81
C MET A 721 -46.49 29.21 9.09
N ALA A 722 -45.30 29.07 9.68
CA ALA A 722 -45.01 29.75 10.94
C ALA A 722 -45.03 31.26 10.78
N VAL A 723 -44.41 31.77 9.71
CA VAL A 723 -44.37 33.23 9.53
C VAL A 723 -45.77 33.76 9.20
N ILE A 724 -46.55 33.00 8.43
CA ILE A 724 -47.92 33.42 8.13
C ILE A 724 -48.76 33.49 9.40
N TYR A 725 -48.65 32.47 10.25
CA TYR A 725 -49.40 32.47 11.51
C TYR A 725 -48.95 33.60 12.41
N THR A 726 -47.64 33.87 12.48
CA THR A 726 -47.14 34.96 13.31
C THR A 726 -47.66 36.30 12.81
N LYS A 727 -47.64 36.53 11.49
CA LYS A 727 -48.16 37.76 10.93
C LYS A 727 -49.65 37.91 11.21
N LEU A 728 -50.41 36.83 11.06
CA LEU A 728 -51.84 36.87 11.31
C LEU A 728 -52.12 37.22 12.77
N TYR A 729 -51.40 36.59 13.69
CA TYR A 729 -51.58 36.90 15.10
C TYR A 729 -51.19 38.34 15.42
N CYS A 730 -50.11 38.83 14.81
CA CYS A 730 -49.66 40.20 15.08
C CYS A 730 -50.66 41.23 14.58
N ASN A 731 -51.14 41.08 13.35
CA ASN A 731 -51.98 42.12 12.77
C ASN A 731 -53.45 41.99 13.18
N LEU A 732 -53.97 40.76 13.26
CA LEU A 732 -55.36 40.56 13.64
C LEU A 732 -55.55 40.75 15.13
N GLU A 733 -56.73 41.26 15.50
CA GLU A 733 -57.06 41.49 16.90
C GLU A 733 -57.09 40.19 17.68
N GLU A 739 -64.14 38.29 14.70
CA GLU A 739 -64.00 37.04 13.96
C GLU A 739 -64.34 35.86 14.86
N ASN A 740 -65.54 35.87 15.45
CA ASN A 740 -65.94 34.80 16.35
C ASN A 740 -66.00 33.46 15.63
N SER A 741 -66.59 33.42 14.44
CA SER A 741 -66.67 32.18 13.68
C SER A 741 -65.31 31.77 13.14
N GLN A 742 -64.48 32.74 12.74
CA GLN A 742 -63.17 32.43 12.16
C GLN A 742 -62.14 32.03 13.20
N SER A 743 -62.35 32.37 14.48
CA SER A 743 -61.35 32.10 15.50
C SER A 743 -61.15 30.60 15.70
N SER A 744 -62.24 29.83 15.65
CA SER A 744 -62.13 28.38 15.83
C SER A 744 -61.26 27.77 14.74
N MET A 745 -61.48 28.16 13.49
CA MET A 745 -60.65 27.64 12.41
C MET A 745 -59.21 28.14 12.53
N ILE A 746 -59.02 29.38 12.98
CA ILE A 746 -57.67 29.91 13.15
C ILE A 746 -56.90 29.06 14.16
N LYS A 747 -57.51 28.81 15.31
CA LYS A 747 -56.82 28.02 16.33
C LYS A 747 -56.65 26.57 15.90
N HIS A 748 -57.61 26.01 15.16
CA HIS A 748 -57.47 24.64 14.69
C HIS A 748 -56.29 24.52 13.72
N VAL A 749 -56.15 25.49 12.80
CA VAL A 749 -55.03 25.44 11.86
C VAL A 749 -53.72 25.68 12.58
N ALA A 750 -53.71 26.55 13.59
CA ALA A 750 -52.50 26.75 14.38
C ALA A 750 -52.08 25.46 15.07
N TRP A 751 -53.03 24.75 15.68
CA TRP A 751 -52.72 23.49 16.31
C TRP A 751 -52.22 22.47 15.30
N LEU A 752 -52.84 22.43 14.11
CA LEU A 752 -52.42 21.49 13.08
C LEU A 752 -50.98 21.73 12.66
N ILE A 753 -50.63 23.00 12.37
CA ILE A 753 -49.27 23.29 11.93
C ILE A 753 -48.28 23.02 13.06
N PHE A 754 -48.65 23.35 14.30
CA PHE A 754 -47.76 23.12 15.43
C PHE A 754 -47.45 21.63 15.57
N THR A 755 -48.49 20.80 15.61
CA THR A 755 -48.28 19.36 15.79
C THR A 755 -47.53 18.75 14.61
N ASN A 756 -47.89 19.15 13.38
CA ASN A 756 -47.23 18.58 12.22
C ASN A 756 -45.75 18.94 12.17
N CYS A 757 -45.40 20.19 12.46
CA CYS A 757 -43.99 20.57 12.48
C CYS A 757 -43.23 19.84 13.60
N ILE A 758 -43.85 19.74 14.78
CA ILE A 758 -43.21 19.05 15.90
C ILE A 758 -42.93 17.59 15.55
N PHE A 759 -43.88 16.94 14.87
CA PHE A 759 -43.67 15.55 14.50
C PHE A 759 -42.70 15.40 13.34
N PHE A 760 -42.63 16.38 12.45
CA PHE A 760 -41.76 16.26 11.29
C PHE A 760 -40.29 16.46 11.65
N CYS A 761 -39.98 17.42 12.52
CA CYS A 761 -38.57 17.76 12.75
C CYS A 761 -37.71 16.56 13.19
N PRO A 762 -38.14 15.68 14.11
CA PRO A 762 -37.28 14.53 14.42
C PRO A 762 -37.06 13.62 13.24
N VAL A 763 -38.03 13.49 12.33
CA VAL A 763 -37.85 12.65 11.15
C VAL A 763 -36.70 13.18 10.30
N ALA A 764 -36.68 14.50 10.07
CA ALA A 764 -35.58 15.09 9.32
C ALA A 764 -34.26 14.94 10.07
N PHE A 765 -34.27 15.11 11.39
CA PHE A 765 -33.04 14.98 12.16
C PHE A 765 -32.48 13.56 12.03
N PHE A 766 -33.34 12.55 12.16
CA PHE A 766 -32.88 11.16 12.06
C PHE A 766 -32.50 10.81 10.63
N SER A 767 -33.13 11.43 9.64
CA SER A 767 -32.71 11.20 8.26
C SER A 767 -31.31 11.74 8.00
N PHE A 768 -31.02 12.93 8.55
CA PHE A 768 -29.69 13.50 8.38
C PHE A 768 -28.65 12.92 9.33
N ALA A 769 -29.07 12.18 10.35
CA ALA A 769 -28.13 11.67 11.34
C ALA A 769 -27.08 10.70 10.77
N PRO A 770 -27.45 9.63 10.06
CA PRO A 770 -26.44 8.61 9.71
C PRO A 770 -25.44 9.06 8.65
N LEU A 771 -25.68 10.16 7.95
CA LEU A 771 -24.70 10.64 6.98
C LEU A 771 -23.58 11.44 7.62
N ILE A 772 -23.66 11.71 8.92
CA ILE A 772 -22.60 12.40 9.64
C ILE A 772 -21.90 11.39 10.53
N THR A 773 -20.58 11.23 10.34
CA THR A 773 -19.82 10.24 11.08
C THR A 773 -19.44 10.71 12.48
N ALA A 774 -19.58 12.01 12.76
CA ALA A 774 -19.20 12.52 14.07
C ALA A 774 -20.05 11.92 15.18
N ILE A 775 -21.36 11.82 14.94
CA ILE A 775 -22.30 11.33 15.94
C ILE A 775 -22.95 10.05 15.42
N SER A 776 -23.12 9.07 16.30
CA SER A 776 -23.72 7.79 15.96
C SER A 776 -25.04 7.63 16.70
N ILE A 777 -26.08 7.26 15.96
CA ILE A 777 -27.42 7.07 16.51
C ILE A 777 -27.85 5.64 16.20
N SER A 778 -28.39 4.96 17.19
CA SER A 778 -28.70 3.54 17.06
C SER A 778 -29.79 3.32 16.01
N PRO A 779 -29.58 2.43 15.04
CA PRO A 779 -30.64 2.14 14.07
C PRO A 779 -31.92 1.61 14.69
N GLU A 780 -31.84 0.95 15.84
CA GLU A 780 -33.06 0.50 16.53
C GLU A 780 -33.90 1.70 16.94
N ILE A 781 -33.28 2.71 17.56
CA ILE A 781 -34.02 3.90 17.95
C ILE A 781 -34.49 4.65 16.71
N MET A 782 -33.70 4.64 15.63
CA MET A 782 -34.16 5.28 14.40
C MET A 782 -35.43 4.61 13.88
N LYS A 783 -35.43 3.29 13.83
CA LYS A 783 -36.59 2.54 13.35
C LYS A 783 -37.81 2.81 14.23
N SER A 784 -37.63 2.76 15.54
CA SER A 784 -38.75 2.96 16.44
C SER A 784 -39.31 4.38 16.33
N VAL A 785 -38.44 5.39 16.32
CA VAL A 785 -38.92 6.76 16.27
C VAL A 785 -39.59 7.04 14.94
N THR A 786 -39.08 6.47 13.85
CA THR A 786 -39.72 6.65 12.55
C THR A 786 -41.10 6.00 12.54
N LEU A 787 -41.18 4.75 13.01
CA LEU A 787 -42.46 4.05 13.03
C LEU A 787 -43.49 4.75 13.90
N ILE A 788 -43.05 5.44 14.94
CA ILE A 788 -43.99 6.13 15.83
C ILE A 788 -44.38 7.49 15.29
N PHE A 789 -43.42 8.30 14.83
CA PHE A 789 -43.70 9.68 14.49
C PHE A 789 -44.15 9.90 13.05
N PHE A 790 -43.70 9.05 12.12
CA PHE A 790 -44.10 9.26 10.73
C PHE A 790 -45.60 9.17 10.51
N PRO A 791 -46.32 8.18 11.04
CA PRO A 791 -47.78 8.16 10.88
C PRO A 791 -48.57 8.81 12.00
N LEU A 792 -47.92 9.45 12.97
CA LEU A 792 -48.59 10.06 14.12
C LEU A 792 -49.54 11.20 13.76
N PRO A 793 -49.16 12.14 12.87
CA PRO A 793 -50.12 13.20 12.52
C PRO A 793 -51.40 12.68 11.93
N ALA A 794 -51.34 11.60 11.16
CA ALA A 794 -52.53 11.06 10.52
C ALA A 794 -53.58 10.62 11.51
N CYS A 795 -53.20 10.29 12.74
CA CYS A 795 -54.15 9.95 13.77
C CYS A 795 -54.38 11.09 14.76
N LEU A 796 -53.44 12.03 14.88
CA LEU A 796 -53.67 13.15 15.79
C LEU A 796 -54.62 14.19 15.21
N ASN A 797 -54.54 14.43 13.88
CA ASN A 797 -55.40 15.46 13.30
C ASN A 797 -56.89 15.12 13.38
N PRO A 798 -57.36 13.94 12.95
CA PRO A 798 -58.80 13.69 13.00
C PRO A 798 -59.38 13.71 14.40
N VAL A 799 -58.65 13.24 15.41
CA VAL A 799 -59.18 13.27 16.76
C VAL A 799 -59.28 14.69 17.26
N LEU A 800 -58.31 15.54 16.91
CA LEU A 800 -58.40 16.96 17.26
C LEU A 800 -59.64 17.59 16.63
N TYR A 801 -59.86 17.32 15.34
CA TYR A 801 -61.01 17.90 14.66
C TYR A 801 -62.33 17.40 15.26
N VAL A 802 -62.39 16.12 15.61
CA VAL A 802 -63.62 15.56 16.17
C VAL A 802 -63.88 16.12 17.56
N PHE A 803 -62.85 16.15 18.42
CA PHE A 803 -63.05 16.51 19.81
C PHE A 803 -63.24 18.01 20.00
N PHE A 804 -62.55 18.84 19.22
CA PHE A 804 -62.44 20.26 19.52
C PHE A 804 -62.89 21.12 18.35
N ASN A 805 -64.06 20.81 17.79
CA ASN A 805 -64.60 21.69 16.77
C ASN A 805 -66.13 21.72 16.80
N PRO A 806 -66.72 22.87 17.19
CA PRO A 806 -68.17 23.00 17.07
C PRO A 806 -68.68 22.85 15.66
N LYS A 807 -67.85 23.17 14.66
CA LYS A 807 -68.23 22.89 13.28
C LYS A 807 -68.43 21.40 13.05
N PHE A 808 -67.53 20.58 13.59
CA PHE A 808 -67.74 19.14 13.50
C PHE A 808 -68.96 18.70 14.31
N LYS A 809 -69.19 19.32 15.46
CA LYS A 809 -70.35 18.96 16.26
C LYS A 809 -71.65 19.21 15.49
N GLU A 810 -71.77 20.39 14.87
CA GLU A 810 -72.97 20.70 14.11
C GLU A 810 -73.06 19.86 12.83
N ASP A 811 -71.92 19.51 12.23
CA ASP A 811 -71.95 18.63 11.06
C ASP A 811 -72.40 17.23 11.45
N TRP A 812 -71.99 16.75 12.62
CA TRP A 812 -72.46 15.47 13.11
C TRP A 812 -73.95 15.50 13.40
N LYS A 813 -74.44 16.62 13.96
CA LYS A 813 -75.89 16.77 14.14
C LYS A 813 -76.62 16.75 12.80
N LEU A 814 -76.05 17.41 11.79
CA LEU A 814 -76.64 17.39 10.45
C LEU A 814 -76.66 15.98 9.89
N LEU A 815 -75.59 15.21 10.11
CA LEU A 815 -75.56 13.83 9.65
C LEU A 815 -76.60 12.99 10.37
N LYS A 816 -76.79 13.23 11.67
CA LYS A 816 -77.84 12.55 12.40
C LYS A 816 -79.21 12.86 11.82
N ARG A 817 -79.47 14.13 11.50
CA ARG A 817 -80.74 14.49 10.88
C ARG A 817 -80.89 13.84 9.51
N ARG A 818 -79.80 13.76 8.75
CA ARG A 818 -79.85 13.14 7.43
C ARG A 818 -80.20 11.67 7.53
N VAL A 819 -79.53 10.94 8.44
CA VAL A 819 -79.80 9.51 8.56
C VAL A 819 -81.17 9.27 9.17
N THR A 820 -81.65 10.18 10.00
CA THR A 820 -82.98 10.05 10.59
C THR A 820 -83.96 11.02 9.96
N LYS B 56 -14.13 0.62 15.04
CA LYS B 56 -14.14 1.99 15.54
C LYS B 56 -14.47 2.01 17.03
N GLU B 57 -14.71 0.83 17.59
CA GLU B 57 -15.03 0.73 19.01
C GLU B 57 -13.79 1.04 19.86
N THR B 58 -14.02 1.73 20.97
CA THR B 58 -12.95 2.01 21.93
C THR B 58 -12.61 0.73 22.70
N ALA B 59 -11.33 0.40 22.78
CA ALA B 59 -10.86 -0.82 23.40
C ALA B 59 -9.83 -0.52 24.48
N PHE B 60 -9.92 -1.27 25.57
CA PHE B 60 -8.95 -1.20 26.66
C PHE B 60 -7.85 -2.22 26.36
N VAL B 61 -6.68 -1.73 25.98
CA VAL B 61 -5.55 -2.57 25.65
C VAL B 61 -4.61 -2.61 26.84
N GLU B 62 -4.27 -3.80 27.31
CA GLU B 62 -3.44 -3.96 28.50
C GLU B 62 -2.15 -4.69 28.15
N VAL B 63 -1.04 -4.15 28.63
CA VAL B 63 0.28 -4.75 28.44
C VAL B 63 0.69 -5.46 29.72
N VAL B 64 1.22 -6.65 29.56
CA VAL B 64 1.54 -7.55 30.66
C VAL B 64 3.05 -7.78 30.69
N LEU B 65 3.66 -7.50 31.83
CA LEU B 65 5.08 -7.79 32.06
C LEU B 65 5.18 -9.06 32.88
N PHE B 66 5.94 -10.04 32.38
CA PHE B 66 6.16 -11.31 33.05
C PHE B 66 7.65 -11.54 33.21
N GLU B 67 8.07 -11.89 34.42
CA GLU B 67 9.48 -12.11 34.70
C GLU B 67 9.81 -13.60 34.78
N THR B 75 6.04 -13.30 37.38
CA THR B 75 4.98 -12.48 37.95
C THR B 75 4.38 -11.55 36.90
N THR B 76 3.05 -11.47 36.88
CA THR B 76 2.33 -10.71 35.87
C THR B 76 1.99 -9.32 36.40
N TYR B 77 2.36 -8.29 35.65
CA TYR B 77 2.02 -6.90 35.97
C TYR B 77 1.29 -6.31 34.77
N THR B 78 0.10 -5.78 35.01
CA THR B 78 -0.79 -5.31 33.94
C THR B 78 -0.90 -3.80 33.99
N THR B 79 -0.70 -3.16 32.84
CA THR B 79 -0.86 -1.71 32.69
C THR B 79 -1.77 -1.44 31.51
N GLY B 80 -2.79 -0.62 31.71
CA GLY B 80 -3.82 -0.40 30.71
C GLY B 80 -3.68 0.90 29.94
N LEU B 81 -4.34 0.94 28.79
CA LEU B 81 -4.42 2.14 27.95
C LEU B 81 -5.63 2.00 27.05
N THR B 82 -5.93 3.07 26.32
CA THR B 82 -7.12 3.15 25.48
C THR B 82 -6.70 3.30 24.02
N GLY B 83 -7.31 2.50 23.15
CA GLY B 83 -7.04 2.62 21.72
C GLY B 83 -8.30 2.35 20.93
N ARG B 84 -8.42 3.01 19.78
CA ARG B 84 -9.63 2.90 18.98
C ARG B 84 -9.44 1.87 17.87
N PHE B 85 -10.42 0.99 17.71
CA PHE B 85 -10.42 0.04 16.63
C PHE B 85 -10.48 0.76 15.28
N SER B 86 -10.20 0.02 14.22
CA SER B 86 -10.30 0.52 12.86
C SER B 86 -11.33 -0.29 12.10
N ARG B 87 -12.19 0.42 11.37
CA ARG B 87 -13.20 -0.27 10.57
C ARG B 87 -12.59 -1.12 9.47
N ALA B 88 -11.34 -0.85 9.08
CA ALA B 88 -10.66 -1.70 8.13
C ALA B 88 -10.46 -3.10 8.70
N GLY B 89 -10.08 -3.20 9.98
CA GLY B 89 -9.90 -4.47 10.64
C GLY B 89 -11.15 -4.91 11.39
N ALA B 90 -11.07 -6.11 11.94
CA ALA B 90 -12.17 -6.68 12.71
C ALA B 90 -12.14 -6.16 14.14
N THR B 91 -13.08 -6.64 14.95
CA THR B 91 -13.16 -6.29 16.37
C THR B 91 -13.31 -7.58 17.17
N LEU B 92 -12.24 -7.99 17.84
CA LEU B 92 -12.26 -9.22 18.63
C LEU B 92 -11.12 -9.15 19.65
N SER B 93 -11.17 -10.07 20.60
CA SER B 93 -10.15 -10.15 21.65
C SER B 93 -8.90 -10.79 21.07
N ALA B 94 -7.83 -9.99 20.91
CA ALA B 94 -6.57 -10.46 20.36
C ALA B 94 -5.50 -10.36 21.44
N GLU B 95 -4.80 -11.47 21.67
CA GLU B 95 -3.79 -11.53 22.71
C GLU B 95 -2.52 -12.17 22.15
N GLY B 96 -1.37 -11.69 22.60
CA GLY B 96 -0.12 -12.31 22.19
C GLY B 96 1.06 -11.41 22.50
N GLU B 97 2.23 -11.86 22.06
CA GLU B 97 3.47 -11.13 22.28
C GLU B 97 3.39 -9.72 21.65
N ILE B 98 4.37 -8.89 21.99
CA ILE B 98 4.46 -7.54 21.46
C ILE B 98 5.88 -7.31 20.94
N VAL B 99 5.98 -6.88 19.69
CA VAL B 99 7.26 -6.52 19.09
C VAL B 99 7.05 -5.27 18.25
N GLN B 100 8.01 -4.35 18.33
CA GLN B 100 7.98 -3.16 17.49
C GLN B 100 8.42 -3.51 16.08
N MET B 101 7.77 -2.90 15.09
CA MET B 101 8.10 -3.11 13.70
C MET B 101 8.37 -1.76 13.05
N HIS B 102 9.54 -1.63 12.44
CA HIS B 102 9.88 -0.37 11.79
C HIS B 102 8.99 -0.16 10.57
N PRO B 103 8.55 1.08 10.32
CA PRO B 103 7.72 1.33 9.13
C PRO B 103 8.41 0.96 7.83
N LEU B 104 9.73 1.16 7.73
CA LEU B 104 10.44 0.82 6.51
C LEU B 104 10.62 -0.68 6.34
N GLY B 105 10.55 -1.45 7.43
CA GLY B 105 10.73 -2.90 7.32
C GLY B 105 9.60 -3.58 6.57
N LEU B 106 8.37 -3.10 6.74
CA LEU B 106 7.19 -3.78 6.22
C LEU B 106 6.81 -3.19 4.86
N CYS B 107 7.37 -3.76 3.79
CA CYS B 107 6.86 -3.56 2.44
C CYS B 107 7.49 -4.57 1.51
N ASN B 108 6.81 -4.81 0.38
CA ASN B 108 7.17 -5.87 -0.55
C ASN B 108 8.45 -5.59 -1.34
N ASN B 109 8.96 -4.35 -1.32
CA ASN B 109 10.14 -4.04 -2.11
C ASN B 109 11.37 -4.79 -1.65
N ASN B 110 11.37 -5.35 -0.44
CA ASN B 110 12.46 -6.18 0.03
C ASN B 110 12.18 -7.62 -0.39
N ASP B 111 13.10 -8.20 -1.17
CA ASP B 111 12.85 -9.50 -1.79
C ASP B 111 12.71 -10.60 -0.74
N GLU B 112 13.58 -10.60 0.26
CA GLU B 112 13.61 -11.67 1.26
C GLU B 112 13.24 -11.10 2.62
N GLU B 113 12.65 -11.95 3.46
CA GLU B 113 12.25 -11.55 4.80
C GLU B 113 12.48 -12.72 5.75
N ASP B 114 12.56 -12.39 7.04
CA ASP B 114 12.68 -13.38 8.10
C ASP B 114 11.33 -13.54 8.78
N LEU B 115 10.81 -14.76 8.79
CA LEU B 115 9.50 -15.03 9.37
C LEU B 115 9.62 -15.27 10.88
N TYR B 116 8.57 -14.89 11.59
CA TYR B 116 8.51 -15.06 13.04
C TYR B 116 7.34 -15.98 13.38
N GLU B 117 7.36 -16.51 14.60
CA GLU B 117 6.32 -17.44 15.03
C GLU B 117 4.95 -16.76 14.99
N TYR B 118 3.95 -17.49 14.52
CA TYR B 118 2.61 -16.95 14.39
C TYR B 118 2.01 -16.70 15.78
N GLY B 119 1.68 -15.44 16.06
CA GLY B 119 1.10 -15.10 17.34
C GLY B 119 1.60 -13.78 17.90
N TRP B 120 2.62 -13.21 17.27
CA TRP B 120 3.16 -11.94 17.73
C TRP B 120 2.18 -10.81 17.44
N VAL B 121 2.44 -9.66 18.07
CA VAL B 121 1.61 -8.47 17.93
C VAL B 121 2.51 -7.31 17.54
N GLY B 122 2.23 -6.70 16.39
CA GLY B 122 3.07 -5.62 15.90
C GLY B 122 2.69 -4.29 16.53
N VAL B 123 3.71 -3.50 16.86
CA VAL B 123 3.54 -2.14 17.33
C VAL B 123 4.30 -1.25 16.37
N VAL B 124 3.58 -0.58 15.48
CA VAL B 124 4.17 0.24 14.44
C VAL B 124 3.96 1.71 14.79
N LYS B 125 5.05 2.45 14.92
CA LYS B 125 5.00 3.88 15.16
C LYS B 125 5.22 4.59 13.83
N LEU B 126 4.18 5.23 13.32
CA LEU B 126 4.29 5.93 12.06
C LEU B 126 5.18 7.16 12.22
N GLU B 127 5.76 7.59 11.11
CA GLU B 127 6.60 8.78 11.07
C GLU B 127 5.84 9.94 10.45
N GLN B 128 6.50 11.09 10.36
CA GLN B 128 5.87 12.25 9.77
C GLN B 128 5.60 12.00 8.29
N PRO B 129 4.46 12.44 7.77
CA PRO B 129 4.13 12.13 6.37
C PRO B 129 5.13 12.67 5.37
N GLU B 130 5.73 13.83 5.65
CA GLU B 130 6.74 14.38 4.76
C GLU B 130 8.11 13.76 4.95
N LEU B 131 8.29 12.95 6.00
CA LEU B 131 9.59 12.31 6.22
C LEU B 131 9.95 11.37 5.08
N ASP B 132 8.96 10.61 4.59
CA ASP B 132 9.15 9.68 3.48
C ASP B 132 8.16 10.04 2.38
N PRO B 133 8.53 10.94 1.45
CA PRO B 133 7.63 11.28 0.36
C PRO B 133 7.46 10.18 -0.68
N LYS B 134 8.23 9.10 -0.58
CA LYS B 134 8.15 7.98 -1.52
C LYS B 134 8.01 6.67 -0.74
N PRO B 135 6.87 6.46 -0.08
CA PRO B 135 6.68 5.22 0.68
C PRO B 135 6.67 4.01 -0.24
N CYS B 136 7.24 2.91 0.26
CA CYS B 136 7.20 1.66 -0.50
C CYS B 136 5.82 1.04 -0.50
N LEU B 137 5.04 1.26 0.56
CA LEU B 137 3.65 0.82 0.64
C LEU B 137 2.83 1.90 1.34
N THR B 138 1.60 1.54 1.70
CA THR B 138 0.73 2.42 2.46
C THR B 138 0.55 1.87 3.87
N VAL B 139 -0.30 2.54 4.64
CA VAL B 139 -0.59 2.07 6.00
C VAL B 139 -1.26 0.70 5.95
N LEU B 140 -2.23 0.55 5.06
CA LEU B 140 -2.88 -0.75 4.90
C LEU B 140 -1.91 -1.79 4.35
N GLY B 141 -0.97 -1.38 3.49
CA GLY B 141 0.05 -2.30 3.03
C GLY B 141 0.93 -2.81 4.16
N LYS B 142 1.35 -1.91 5.04
CA LYS B 142 2.13 -2.34 6.21
C LYS B 142 1.31 -3.25 7.11
N ALA B 143 0.02 -2.93 7.30
CA ALA B 143 -0.83 -3.77 8.14
C ALA B 143 -0.97 -5.16 7.56
N LYS B 144 -1.23 -5.26 6.25
CA LYS B 144 -1.41 -6.57 5.64
C LYS B 144 -0.10 -7.37 5.65
N ARG B 145 1.04 -6.70 5.41
CA ARG B 145 2.31 -7.42 5.50
C ARG B 145 2.57 -7.92 6.90
N ALA B 146 2.25 -7.11 7.92
CA ALA B 146 2.42 -7.56 9.30
C ALA B 146 1.54 -8.76 9.61
N VAL B 147 0.28 -8.72 9.17
CA VAL B 147 -0.62 -9.85 9.43
C VAL B 147 -0.14 -11.09 8.70
N GLN B 148 0.39 -10.93 7.48
CA GLN B 148 0.95 -12.07 6.76
C GLN B 148 2.14 -12.66 7.50
N ARG B 149 2.99 -11.81 8.06
CA ARG B 149 4.12 -12.31 8.85
C ARG B 149 3.69 -13.01 10.13
N GLY B 150 2.44 -12.84 10.55
CA GLY B 150 1.93 -13.54 11.71
C GLY B 150 1.52 -12.65 12.87
N ALA B 151 1.11 -11.42 12.56
CA ALA B 151 0.70 -10.48 13.59
C ALA B 151 -0.78 -10.70 13.91
N THR B 152 -1.06 -11.20 15.10
CA THR B 152 -2.44 -11.34 15.53
C THR B 152 -3.11 -9.98 15.73
N ALA B 153 -2.34 -9.00 16.21
CA ALA B 153 -2.86 -7.66 16.40
C ALA B 153 -1.81 -6.65 15.92
N VAL B 154 -2.29 -5.47 15.52
CA VAL B 154 -1.43 -4.38 15.07
C VAL B 154 -1.85 -3.12 15.80
N ILE B 155 -0.87 -2.39 16.33
CA ILE B 155 -1.09 -1.15 17.07
C ILE B 155 -0.33 -0.05 16.35
N PHE B 156 -1.06 0.81 15.65
CA PHE B 156 -0.47 1.91 14.89
C PHE B 156 -0.51 3.17 15.72
N ASP B 157 0.65 3.62 16.19
CA ASP B 157 0.73 4.92 16.87
C ASP B 157 0.60 6.02 15.82
N VAL B 158 -0.57 6.65 15.78
CA VAL B 158 -0.91 7.60 14.73
C VAL B 158 -0.62 9.02 15.20
N SER B 159 0.14 9.14 16.30
CA SER B 159 0.44 10.46 16.84
C SER B 159 1.26 11.29 15.84
N GLU B 160 2.25 10.67 15.20
CA GLU B 160 3.08 11.40 14.24
C GLU B 160 2.47 11.46 12.85
N ASN B 161 1.47 10.63 12.57
CA ASN B 161 0.83 10.58 11.26
C ASN B 161 -0.69 10.65 11.45
N PRO B 162 -1.24 11.86 11.58
CA PRO B 162 -2.71 11.97 11.72
C PRO B 162 -3.48 11.44 10.53
N GLU B 163 -2.87 11.40 9.34
CA GLU B 163 -3.55 10.91 8.15
C GLU B 163 -3.82 9.42 8.19
N ALA B 164 -3.20 8.69 9.12
CA ALA B 164 -3.43 7.25 9.19
C ALA B 164 -4.88 6.92 9.51
N ILE B 165 -5.56 7.78 10.26
CA ILE B 165 -6.97 7.53 10.60
C ILE B 165 -7.81 7.53 9.32
N ASP B 166 -7.64 8.56 8.48
CA ASP B 166 -8.42 8.59 7.25
C ASP B 166 -7.95 7.53 6.26
N GLN B 167 -6.68 7.15 6.29
CA GLN B 167 -6.23 6.03 5.46
C GLN B 167 -6.95 4.74 5.85
N LEU B 168 -7.05 4.47 7.15
CA LEU B 168 -7.78 3.29 7.61
C LEU B 168 -9.27 3.39 7.28
N ASN B 169 -9.83 4.59 7.40
CA ASN B 169 -11.25 4.78 7.05
C ASN B 169 -11.49 4.50 5.57
N GLN B 170 -10.57 4.94 4.71
CA GLN B 170 -10.68 4.63 3.29
C GLN B 170 -10.48 3.13 3.05
N GLY B 171 -9.63 2.49 3.84
CA GLY B 171 -9.47 1.06 3.75
C GLY B 171 -10.53 0.25 4.46
N SER B 172 -11.51 0.91 5.08
CA SER B 172 -12.57 0.20 5.78
C SER B 172 -13.43 -0.62 4.82
N GLU B 173 -13.47 -0.23 3.54
CA GLU B 173 -14.25 -0.99 2.56
C GLU B 173 -13.72 -2.40 2.39
N ASP B 174 -12.39 -2.56 2.39
CA ASP B 174 -11.78 -3.87 2.30
C ASP B 174 -11.61 -4.45 3.69
N PRO B 175 -12.27 -5.57 4.01
CA PRO B 175 -12.11 -6.16 5.35
C PRO B 175 -10.70 -6.69 5.55
N LEU B 176 -10.27 -6.71 6.81
CA LEU B 176 -8.96 -7.21 7.19
C LEU B 176 -9.13 -8.42 8.10
N LYS B 177 -8.15 -9.33 8.02
CA LYS B 177 -8.24 -10.59 8.74
C LYS B 177 -8.24 -10.38 10.24
N ARG B 178 -7.39 -9.48 10.74
CA ARG B 178 -7.15 -9.31 12.16
C ARG B 178 -7.41 -7.87 12.57
N PRO B 179 -7.73 -7.64 13.85
CA PRO B 179 -8.12 -6.29 14.28
C PRO B 179 -6.98 -5.30 14.17
N VAL B 180 -7.35 -4.03 13.95
CA VAL B 180 -6.42 -2.92 13.88
C VAL B 180 -6.78 -1.93 14.98
N VAL B 181 -5.80 -1.54 15.78
CA VAL B 181 -5.98 -0.60 16.88
C VAL B 181 -5.02 0.56 16.66
N TYR B 182 -5.55 1.79 16.69
CA TYR B 182 -4.72 2.98 16.63
C TYR B 182 -4.81 3.74 17.95
N VAL B 183 -3.66 4.20 18.41
CA VAL B 183 -3.51 4.85 19.71
C VAL B 183 -2.75 6.15 19.50
N LYS B 184 -3.23 7.23 20.11
CA LYS B 184 -2.59 8.53 19.99
C LYS B 184 -2.63 9.25 21.32
N GLY B 185 -1.51 9.87 21.69
CA GLY B 185 -1.45 10.68 22.90
C GLY B 185 -0.64 10.08 24.02
N ALA B 186 -1.06 10.34 25.26
CA ALA B 186 -0.33 9.87 26.43
C ALA B 186 -0.30 8.35 26.49
N ASP B 187 -1.39 7.70 26.06
CA ASP B 187 -1.41 6.25 26.00
C ASP B 187 -0.37 5.72 25.01
N ALA B 188 -0.25 6.37 23.85
CA ALA B 188 0.78 5.98 22.90
C ALA B 188 2.17 6.20 23.48
N ILE B 189 2.38 7.31 24.18
CA ILE B 189 3.68 7.60 24.76
C ILE B 189 4.05 6.55 25.80
N LYS B 190 3.09 6.18 26.66
CA LYS B 190 3.39 5.18 27.69
C LYS B 190 3.59 3.81 27.08
N LEU B 191 2.86 3.47 26.01
CA LEU B 191 3.09 2.21 25.32
C LEU B 191 4.48 2.15 24.73
N MET B 192 4.93 3.25 24.11
CA MET B 192 6.28 3.28 23.56
C MET B 192 7.33 3.19 24.66
N ASN B 193 7.10 3.88 25.79
CA ASN B 193 8.04 3.77 26.90
C ASN B 193 8.13 2.34 27.41
N ILE B 194 6.98 1.66 27.53
CA ILE B 194 6.98 0.28 28.01
C ILE B 194 7.72 -0.62 27.04
N VAL B 195 7.45 -0.48 25.74
CA VAL B 195 8.09 -1.36 24.77
C VAL B 195 9.59 -1.09 24.68
N ASN B 196 10.01 0.14 24.94
CA ASN B 196 11.45 0.43 24.95
C ASN B 196 12.11 -0.13 26.20
N LYS B 197 11.50 0.06 27.37
CA LYS B 197 12.14 -0.34 28.61
C LYS B 197 12.16 -1.86 28.78
N GLN B 198 11.04 -2.51 28.53
CA GLN B 198 10.93 -3.95 28.74
C GLN B 198 11.46 -4.71 27.53
N LYS B 199 11.97 -5.92 27.80
CA LYS B 199 12.47 -6.79 26.74
C LYS B 199 11.51 -7.91 26.37
N VAL B 200 10.64 -8.32 27.29
CA VAL B 200 9.62 -9.33 27.03
C VAL B 200 8.32 -8.86 27.65
N ALA B 201 7.24 -8.91 26.87
CA ALA B 201 5.93 -8.48 27.35
C ALA B 201 4.86 -9.08 26.45
N ARG B 202 3.61 -8.91 26.86
CA ARG B 202 2.47 -9.37 26.09
C ARG B 202 1.43 -8.26 26.02
N ALA B 203 0.48 -8.41 25.11
CA ALA B 203 -0.59 -7.45 24.92
C ALA B 203 -1.92 -8.20 24.81
N ARG B 204 -2.95 -7.59 25.39
CA ARG B 204 -4.31 -8.12 25.36
C ARG B 204 -5.26 -7.02 24.93
N ILE B 205 -6.11 -7.31 23.95
CA ILE B 205 -7.09 -6.36 23.42
C ILE B 205 -8.46 -7.02 23.47
N GLN B 206 -9.44 -6.30 24.00
CA GLN B 206 -10.80 -6.80 24.15
C GLN B 206 -11.78 -5.94 23.37
N HIS B 207 -12.83 -6.59 22.86
CA HIS B 207 -13.86 -5.90 22.10
C HIS B 207 -14.76 -5.07 23.02
N GLU B 215 -32.45 -3.66 21.86
CA GLU B 215 -33.49 -3.35 22.83
C GLU B 215 -33.08 -2.15 23.70
N TYR B 216 -33.32 -2.29 25.01
CA TYR B 216 -33.03 -1.24 25.99
C TYR B 216 -33.77 0.05 25.70
N PHE B 217 -34.83 -0.01 24.91
CA PHE B 217 -35.64 1.14 24.54
C PHE B 217 -37.06 0.65 24.31
N ASP B 218 -37.86 1.46 23.63
CA ASP B 218 -39.23 1.12 23.20
C ASP B 218 -40.21 1.12 24.36
N MET B 219 -39.72 1.33 25.59
CA MET B 219 -40.61 1.48 26.73
C MET B 219 -40.92 2.93 27.07
N GLY B 220 -39.91 3.80 27.02
CA GLY B 220 -40.14 5.20 27.29
C GLY B 220 -41.03 5.85 26.26
N ILE B 221 -40.79 5.55 24.97
CA ILE B 221 -41.60 6.14 23.91
C ILE B 221 -43.02 5.59 23.96
N PHE B 222 -43.18 4.30 24.26
CA PHE B 222 -44.50 3.71 24.39
C PHE B 222 -45.29 4.36 25.52
N LEU B 223 -44.65 4.52 26.69
CA LEU B 223 -45.35 5.13 27.82
C LEU B 223 -45.64 6.60 27.54
N ALA B 224 -44.74 7.30 26.85
CA ALA B 224 -45.01 8.69 26.50
C ALA B 224 -46.20 8.80 25.56
N PHE B 225 -46.26 7.94 24.56
CA PHE B 225 -47.39 7.96 23.63
C PHE B 225 -48.70 7.69 24.36
N PHE B 226 -48.70 6.71 25.27
CA PHE B 226 -49.96 6.39 25.92
C PHE B 226 -50.34 7.40 26.99
N VAL B 227 -49.39 8.07 27.63
CA VAL B 227 -49.77 9.15 28.54
C VAL B 227 -50.24 10.37 27.76
N VAL B 228 -49.73 10.57 26.54
CA VAL B 228 -50.30 11.63 25.69
C VAL B 228 -51.74 11.31 25.33
N VAL B 229 -52.01 10.05 24.97
CA VAL B 229 -53.38 9.64 24.69
C VAL B 229 -54.26 9.85 25.91
N SER B 230 -53.76 9.48 27.10
CA SER B 230 -54.52 9.66 28.33
C SER B 230 -54.77 11.14 28.60
N LEU B 231 -53.79 11.99 28.33
CA LEU B 231 -53.96 13.43 28.51
C LEU B 231 -55.04 13.98 27.60
N VAL B 232 -55.04 13.56 26.33
CA VAL B 232 -56.08 14.01 25.41
C VAL B 232 -57.46 13.55 25.88
N CYS B 233 -57.57 12.28 26.29
CA CYS B 233 -58.84 11.78 26.78
C CYS B 233 -59.30 12.50 28.03
N LEU B 234 -58.36 12.82 28.93
CA LEU B 234 -58.70 13.54 30.15
C LEU B 234 -59.18 14.95 29.84
N ILE B 235 -58.54 15.63 28.88
CA ILE B 235 -59.00 16.96 28.48
C ILE B 235 -60.40 16.89 27.89
N LEU B 236 -60.64 15.89 27.03
CA LEU B 236 -61.98 15.73 26.47
C LEU B 236 -63.02 15.48 27.55
N LEU B 237 -62.69 14.62 28.53
CA LEU B 237 -63.64 14.30 29.58
C LEU B 237 -63.91 15.50 30.48
N VAL B 238 -62.87 16.25 30.84
CA VAL B 238 -63.08 17.42 31.70
C VAL B 238 -63.84 18.50 30.95
N LYS B 239 -63.67 18.59 29.63
CA LYS B 239 -64.45 19.56 28.86
C LYS B 239 -65.91 19.13 28.76
N ILE B 240 -66.17 17.84 28.58
CA ILE B 240 -67.55 17.38 28.49
C ILE B 240 -68.24 17.38 29.85
N LYS B 241 -67.47 17.39 30.95
CA LYS B 241 -68.06 17.51 32.28
C LYS B 241 -68.79 18.84 32.43
N LEU B 242 -68.21 19.92 31.94
CA LEU B 242 -68.82 21.24 32.03
C LEU B 242 -70.09 21.32 31.19
N VAL C 21 66.16 8.21 -8.14
CA VAL C 21 65.00 8.68 -8.89
C VAL C 21 64.30 9.77 -8.08
N GLN C 22 64.98 10.24 -7.05
CA GLN C 22 64.41 11.27 -6.17
C GLN C 22 64.16 12.55 -6.95
N LEU C 23 63.01 13.16 -6.71
CA LEU C 23 62.56 14.35 -7.42
C LEU C 23 62.45 15.50 -6.42
N VAL C 24 63.20 16.56 -6.65
CA VAL C 24 63.24 17.69 -5.72
C VAL C 24 62.57 18.89 -6.38
N GLU C 25 62.08 19.80 -5.54
CA GLU C 25 61.33 20.96 -6.03
C GLU C 25 61.71 22.19 -5.22
N SER C 26 61.61 23.35 -5.85
CA SER C 26 61.94 24.61 -5.21
C SER C 26 61.15 25.78 -5.81
N SER C 442 54.69 37.00 -9.48
CA SER C 442 55.37 36.35 -10.58
C SER C 442 56.48 35.44 -10.08
N LEU C 443 56.13 34.18 -9.80
CA LEU C 443 57.08 33.20 -9.29
C LEU C 443 57.54 32.26 -10.39
N ARG C 444 58.62 31.54 -10.11
CA ARG C 444 59.19 30.56 -11.04
C ARG C 444 59.56 29.33 -10.22
N LEU C 445 58.81 28.24 -10.40
CA LEU C 445 59.07 27.00 -9.66
C LEU C 445 59.96 26.09 -10.50
N SER C 446 61.03 25.59 -9.87
CA SER C 446 62.01 24.74 -10.55
C SER C 446 62.05 23.37 -9.88
N CYS C 447 61.88 22.33 -10.68
CA CYS C 447 61.90 20.95 -10.21
C CYS C 447 63.04 20.22 -10.88
N ALA C 448 63.83 19.49 -10.09
CA ALA C 448 65.00 18.79 -10.57
C ALA C 448 64.83 17.29 -10.40
N ALA C 449 65.16 16.54 -11.45
CA ALA C 449 65.13 15.08 -11.45
C ALA C 449 66.55 14.58 -11.63
N SER C 450 67.22 14.28 -10.53
CA SER C 450 68.62 13.89 -10.53
C SER C 450 68.82 12.39 -10.42
N GLY C 451 67.74 11.60 -10.44
CA GLY C 451 67.88 10.17 -10.23
C GLY C 451 67.46 9.30 -11.39
N TYR C 452 66.47 9.73 -12.16
CA TYR C 452 65.98 8.91 -13.27
C TYR C 452 67.02 8.83 -14.37
N THR C 453 67.16 7.64 -14.97
CA THR C 453 68.25 7.41 -15.92
C THR C 453 68.02 8.17 -17.22
N TYR C 454 66.82 8.09 -17.79
CA TYR C 454 66.52 8.76 -19.05
C TYR C 454 65.01 8.69 -19.28
N SER C 455 64.59 9.21 -20.44
CA SER C 455 63.20 9.21 -20.90
C SER C 455 62.27 9.92 -19.92
N PRO C 456 62.37 11.24 -19.79
CA PRO C 456 61.40 11.96 -18.95
C PRO C 456 60.03 12.02 -19.62
N TYR C 457 59.08 11.23 -19.11
CA TYR C 457 57.78 11.06 -19.73
C TYR C 457 56.70 11.62 -18.81
N CYS C 458 55.81 12.43 -19.38
CA CYS C 458 54.59 12.88 -18.71
C CYS C 458 54.89 13.47 -17.33
N MET C 459 55.60 14.60 -17.34
CA MET C 459 55.82 15.35 -16.11
C MET C 459 54.70 16.36 -15.90
N GLY C 460 54.51 16.78 -14.66
CA GLY C 460 53.43 17.69 -14.38
C GLY C 460 53.57 18.36 -13.04
N TRP C 461 52.69 19.35 -12.81
CA TRP C 461 52.66 20.12 -11.58
C TRP C 461 51.29 20.00 -10.93
N PHE C 462 51.28 19.90 -9.60
CA PHE C 462 50.05 19.75 -8.83
C PHE C 462 50.06 20.73 -7.68
N ARG C 463 48.87 21.20 -7.31
CA ARG C 463 48.71 22.07 -6.16
C ARG C 463 47.71 21.46 -5.19
N GLN C 464 47.94 21.69 -3.91
CA GLN C 464 47.08 21.13 -2.87
C GLN C 464 46.77 22.19 -1.83
N ALA C 465 45.51 22.25 -1.45
CA ALA C 465 44.98 22.95 -0.29
C ALA C 465 45.05 22.05 0.93
N PRO C 466 45.17 22.60 2.14
CA PRO C 466 45.30 21.74 3.33
C PRO C 466 44.10 20.83 3.50
N GLY C 467 44.35 19.53 3.50
CA GLY C 467 43.32 18.53 3.68
C GLY C 467 42.48 18.22 2.45
N LYS C 468 42.90 18.65 1.27
CA LYS C 468 42.14 18.43 0.05
C LYS C 468 42.99 17.66 -0.95
N ALA C 469 42.37 17.32 -2.08
CA ALA C 469 43.05 16.55 -3.12
C ALA C 469 44.09 17.41 -3.83
N ARG C 470 45.05 16.73 -4.47
CA ARG C 470 46.06 17.38 -5.28
C ARG C 470 45.52 17.55 -6.69
N GLU C 471 45.28 18.80 -7.10
CA GLU C 471 44.74 19.10 -8.41
C GLU C 471 45.86 19.47 -9.35
N GLY C 472 45.87 18.86 -10.54
CA GLY C 472 46.88 19.21 -11.52
C GLY C 472 46.66 20.60 -12.07
N VAL C 473 47.77 21.26 -12.44
CA VAL C 473 47.72 22.59 -13.01
C VAL C 473 48.34 22.64 -14.40
N ALA C 474 49.46 21.96 -14.62
CA ALA C 474 50.12 21.95 -15.91
C ALA C 474 50.89 20.66 -16.09
N THR C 475 50.60 19.95 -17.17
CA THR C 475 51.24 18.68 -17.48
C THR C 475 51.88 18.77 -18.87
N VAL C 476 53.10 18.26 -18.99
CA VAL C 476 53.84 18.28 -20.25
C VAL C 476 54.12 16.85 -20.69
N ASP C 477 53.78 16.55 -21.94
CA ASP C 477 54.08 15.27 -22.54
C ASP C 477 55.51 15.28 -23.09
N LEU C 478 56.05 14.08 -23.31
CA LEU C 478 57.40 13.97 -23.84
C LEU C 478 57.52 14.57 -25.24
N ASP C 479 56.41 14.72 -25.96
CA ASP C 479 56.41 15.32 -27.28
C ASP C 479 56.23 16.84 -27.23
N GLY C 480 56.14 17.43 -26.03
CA GLY C 480 55.98 18.85 -25.89
C GLY C 480 54.56 19.34 -25.76
N SER C 481 53.57 18.46 -25.97
CA SER C 481 52.18 18.87 -25.80
C SER C 481 51.90 19.17 -24.32
N THR C 482 51.18 20.26 -24.08
CA THR C 482 50.93 20.73 -22.73
C THR C 482 49.43 20.82 -22.46
N ILE C 483 49.03 20.37 -21.28
CA ILE C 483 47.65 20.43 -20.83
C ILE C 483 47.60 21.28 -19.58
N TYR C 484 46.71 22.27 -19.57
CA TYR C 484 46.58 23.20 -18.45
C TYR C 484 45.21 23.07 -17.82
N ALA C 485 45.09 23.59 -16.60
CA ALA C 485 43.82 23.66 -15.92
C ALA C 485 43.01 24.85 -16.44
N ASP C 486 41.71 24.84 -16.14
CA ASP C 486 40.84 25.93 -16.58
C ASP C 486 41.24 27.25 -15.92
N SER C 487 41.58 27.22 -14.63
CA SER C 487 41.98 28.41 -13.89
C SER C 487 43.46 28.69 -14.00
N VAL C 488 44.17 28.03 -14.92
CA VAL C 488 45.61 28.12 -15.04
C VAL C 488 46.05 28.66 -16.39
N LYS C 489 45.37 28.24 -17.47
CA LYS C 489 45.82 28.55 -18.82
C LYS C 489 45.94 30.05 -19.03
N GLY C 490 47.00 30.45 -19.71
CA GLY C 490 47.32 31.86 -19.90
C GLY C 490 48.15 32.45 -18.79
N ARG C 491 47.71 32.25 -17.54
CA ARG C 491 48.45 32.78 -16.40
C ARG C 491 49.76 32.05 -16.19
N PHE C 492 49.75 30.72 -16.34
CA PHE C 492 50.92 29.89 -16.06
C PHE C 492 51.54 29.41 -17.37
N THR C 493 52.67 28.71 -17.24
CA THR C 493 53.38 28.14 -18.37
C THR C 493 54.28 27.03 -17.85
N ILE C 494 54.41 25.95 -18.62
CA ILE C 494 55.25 24.82 -18.23
C ILE C 494 56.31 24.60 -19.30
N SER C 495 57.55 24.38 -18.86
CA SER C 495 58.66 24.22 -19.78
C SER C 495 59.64 23.19 -19.23
N GLN C 496 59.81 22.09 -19.94
CA GLN C 496 60.74 21.03 -19.55
C GLN C 496 62.01 21.15 -20.40
N ASP C 497 63.15 21.32 -19.73
CA ASP C 497 64.43 21.44 -20.42
C ASP C 497 65.27 20.22 -20.10
N ASN C 498 65.62 19.45 -21.12
CA ASN C 498 66.44 18.26 -20.95
C ASN C 498 67.93 18.54 -20.98
N ALA C 499 68.34 19.76 -21.35
CA ALA C 499 69.75 20.11 -21.28
C ALA C 499 70.23 20.16 -19.84
N LYS C 500 69.50 20.87 -18.99
CA LYS C 500 69.74 20.87 -17.55
C LYS C 500 68.86 19.88 -16.81
N ASN C 501 67.97 19.18 -17.52
CA ASN C 501 67.11 18.15 -16.94
C ASN C 501 66.27 18.72 -15.79
N THR C 502 65.60 19.84 -16.05
CA THR C 502 64.76 20.48 -15.06
C THR C 502 63.39 20.77 -15.66
N LEU C 503 62.45 21.11 -14.78
CA LEU C 503 61.09 21.46 -15.15
C LEU C 503 60.76 22.81 -14.53
N TYR C 504 60.23 23.73 -15.33
CA TYR C 504 59.95 25.08 -14.88
C TYR C 504 58.46 25.36 -15.00
N LEU C 505 57.89 25.93 -13.94
CA LEU C 505 56.53 26.44 -13.95
C LEU C 505 56.60 27.95 -13.76
N GLN C 506 56.24 28.69 -14.80
CA GLN C 506 56.15 30.14 -14.74
C GLN C 506 54.75 30.55 -14.33
N MET C 507 54.65 31.37 -13.29
CA MET C 507 53.38 31.81 -12.74
C MET C 507 53.29 33.33 -12.86
N ASN C 508 52.17 33.81 -13.39
CA ASN C 508 51.97 35.24 -13.62
C ASN C 508 50.61 35.65 -13.08
N SER C 509 50.56 36.84 -12.47
CA SER C 509 49.32 37.43 -11.92
C SER C 509 48.68 36.49 -10.91
N LEU C 510 49.41 36.27 -9.81
CA LEU C 510 48.97 35.36 -8.75
C LEU C 510 47.80 35.97 -8.00
N LYS C 511 46.59 35.52 -8.31
CA LYS C 511 45.42 35.94 -7.58
C LYS C 511 45.45 35.38 -6.15
N PRO C 512 44.74 36.02 -5.21
CA PRO C 512 44.86 35.61 -3.81
C PRO C 512 44.44 34.18 -3.54
N GLU C 513 43.60 33.58 -4.37
CA GLU C 513 43.21 32.19 -4.21
C GLU C 513 44.22 31.22 -4.83
N ASP C 514 45.45 31.67 -5.08
CA ASP C 514 46.48 30.85 -5.70
C ASP C 514 47.44 30.25 -4.69
N THR C 515 47.25 30.51 -3.40
CA THR C 515 48.18 30.01 -2.38
C THR C 515 47.86 28.54 -2.06
N ALA C 516 48.90 27.71 -2.08
CA ALA C 516 48.74 26.27 -1.89
C ALA C 516 50.12 25.67 -1.65
N MET C 517 50.20 24.34 -1.68
CA MET C 517 51.47 23.62 -1.69
C MET C 517 51.63 22.98 -3.05
N TYR C 518 52.78 23.21 -3.69
CA TYR C 518 53.01 22.80 -5.07
C TYR C 518 54.01 21.66 -5.12
N TYR C 519 53.65 20.61 -5.86
CA TYR C 519 54.49 19.44 -6.07
C TYR C 519 54.71 19.23 -7.56
N CYS C 520 55.83 18.60 -7.90
CA CYS C 520 56.08 18.15 -9.26
C CYS C 520 56.06 16.64 -9.30
N ALA C 521 55.35 16.08 -10.28
CA ALA C 521 55.20 14.65 -10.42
C ALA C 521 55.76 14.18 -11.75
N SER C 522 56.27 12.96 -11.76
CA SER C 522 56.93 12.38 -12.92
C SER C 522 56.47 10.94 -13.10
N ARG C 523 56.59 10.45 -14.34
CA ARG C 523 56.17 9.09 -14.68
C ARG C 523 57.11 8.56 -15.77
N THR C 524 58.14 7.83 -15.36
CA THR C 524 59.07 7.26 -16.33
C THR C 524 58.40 6.26 -17.25
N ARG C 525 57.52 5.42 -16.70
CA ARG C 525 56.86 4.38 -17.47
C ARG C 525 55.86 5.01 -18.45
N ALA C 526 55.48 4.23 -19.45
CA ALA C 526 54.50 4.63 -20.45
C ALA C 526 53.28 3.72 -20.38
N GLY C 527 52.32 3.97 -21.25
CA GLY C 527 51.12 3.16 -21.35
C GLY C 527 49.82 3.82 -20.93
N VAL C 528 49.83 5.13 -20.65
CA VAL C 528 48.62 5.83 -20.24
C VAL C 528 48.60 7.19 -20.95
N THR C 529 47.40 7.69 -21.21
CA THR C 529 47.26 9.00 -21.80
C THR C 529 47.53 10.07 -20.75
N CYS C 530 48.36 11.05 -21.10
CA CYS C 530 48.74 12.09 -20.17
C CYS C 530 47.55 12.97 -19.81
N GLY C 531 47.57 13.51 -18.61
CA GLY C 531 46.48 14.36 -18.17
C GLY C 531 46.78 15.00 -16.84
N LEU C 532 45.72 15.47 -16.18
CA LEU C 532 45.81 16.12 -14.88
C LEU C 532 45.34 15.21 -13.76
N ASN C 533 45.61 13.91 -13.86
CA ASN C 533 45.19 12.93 -12.87
C ASN C 533 46.38 12.55 -12.01
N TRP C 534 46.26 12.71 -10.70
CA TRP C 534 47.36 12.40 -9.81
C TRP C 534 47.68 10.91 -9.75
N ALA C 535 46.75 10.05 -10.17
CA ALA C 535 46.91 8.62 -9.99
C ALA C 535 47.89 7.99 -10.97
N ILE C 536 48.23 8.69 -12.06
CA ILE C 536 49.06 8.07 -13.09
C ILE C 536 50.55 8.30 -12.88
N PHE C 537 50.94 9.22 -12.02
CA PHE C 537 52.34 9.56 -11.83
C PHE C 537 52.99 8.64 -10.81
N SER C 538 54.28 8.35 -11.04
CA SER C 538 55.00 7.39 -10.23
C SER C 538 55.93 8.03 -9.21
N TYR C 539 56.38 9.26 -9.43
CA TYR C 539 57.31 9.91 -8.51
C TYR C 539 56.81 11.31 -8.18
N TRP C 540 57.03 11.72 -6.94
CA TRP C 540 56.54 13.00 -6.44
C TRP C 540 57.65 13.77 -5.77
N GLY C 541 57.56 15.10 -5.82
CA GLY C 541 58.50 15.97 -5.16
C GLY C 541 58.05 16.33 -3.75
N GLN C 542 58.89 17.11 -3.09
CA GLN C 542 58.59 17.50 -1.71
C GLN C 542 57.47 18.52 -1.64
N GLY C 543 57.50 19.53 -2.51
CA GLY C 543 56.49 20.56 -2.50
C GLY C 543 56.94 21.82 -1.80
N THR C 544 56.49 22.98 -2.30
CA THR C 544 56.81 24.27 -1.71
C THR C 544 55.53 25.03 -1.43
N GLN C 545 55.52 25.79 -0.35
CA GLN C 545 54.35 26.58 0.03
C GLN C 545 54.38 27.89 -0.74
N VAL C 546 53.43 28.08 -1.65
CA VAL C 546 53.32 29.31 -2.42
C VAL C 546 52.19 30.13 -1.83
N THR C 547 52.54 31.28 -1.27
CA THR C 547 51.58 32.25 -0.75
C THR C 547 51.69 33.53 -1.55
N VAL C 548 50.56 34.22 -1.71
CA VAL C 548 50.52 35.42 -2.53
C VAL C 548 51.38 36.50 -1.89
N SER C 549 52.27 37.09 -2.69
CA SER C 549 53.20 38.10 -2.21
C SER C 549 53.69 38.98 -3.36
N LYS D 41 27.22 9.58 13.64
CA LYS D 41 26.13 8.62 13.59
C LYS D 41 25.67 8.42 12.15
N GLY D 42 25.82 9.46 11.34
CA GLY D 42 25.50 9.39 9.92
C GLY D 42 24.05 9.14 9.59
N CYS D 43 23.13 9.84 10.25
CA CYS D 43 21.72 9.68 9.98
C CYS D 43 21.05 11.02 9.73
N LEU D 44 19.72 11.04 9.68
CA LEU D 44 18.98 12.27 9.42
C LEU D 44 17.93 12.59 10.46
N SER D 45 17.21 11.59 10.99
CA SER D 45 16.14 11.85 11.95
C SER D 45 16.46 11.32 13.34
N CYS D 46 16.75 10.02 13.47
CA CYS D 46 17.14 9.40 14.74
C CYS D 46 16.11 9.69 15.84
N SER D 47 14.90 9.21 15.61
CA SER D 47 13.90 9.21 16.66
C SER D 47 14.32 8.24 17.77
N LYS D 48 14.02 8.62 19.01
CA LYS D 48 14.52 7.85 20.16
C LYS D 48 13.94 6.44 20.19
N ASP D 49 12.65 6.30 19.93
CA ASP D 49 11.99 5.00 20.06
C ASP D 49 11.95 4.24 18.74
N ASN D 50 11.59 4.91 17.65
CA ASN D 50 11.49 4.24 16.36
C ASN D 50 12.84 4.02 15.70
N GLY D 51 13.89 4.69 16.18
CA GLY D 51 15.21 4.55 15.62
C GLY D 51 15.43 5.46 14.42
N CYS D 52 16.69 5.58 14.03
CA CYS D 52 17.05 6.42 12.90
C CYS D 52 16.51 5.80 11.61
N SER D 53 15.83 6.61 10.81
CA SER D 53 15.15 6.13 9.61
C SER D 53 15.95 6.39 8.34
N ARG D 54 16.31 7.64 8.09
CA ARG D 54 17.07 8.00 6.89
C ARG D 54 18.55 8.11 7.21
N CYS D 55 19.37 7.80 6.22
CA CYS D 55 20.82 7.77 6.37
C CYS D 55 21.45 8.82 5.44
N GLN D 56 22.79 8.81 5.40
CA GLN D 56 23.51 9.70 4.50
C GLN D 56 23.38 9.21 3.06
N GLN D 57 23.96 9.98 2.13
CA GLN D 57 23.83 9.65 0.72
C GLN D 57 24.60 8.39 0.34
N LYS D 58 25.56 7.96 1.16
CA LYS D 58 26.42 6.82 0.82
C LYS D 58 26.41 5.72 1.87
N LEU D 59 25.54 5.80 2.87
CA LEU D 59 25.53 4.82 3.94
C LEU D 59 24.42 3.79 3.73
N PHE D 60 24.49 2.72 4.52
CA PHE D 60 23.57 1.59 4.42
C PHE D 60 22.65 1.59 5.63
N PHE D 61 21.36 1.39 5.38
CA PHE D 61 20.35 1.32 6.43
C PHE D 61 20.18 -0.14 6.85
N PHE D 62 20.26 -0.38 8.16
CA PHE D 62 20.21 -1.72 8.72
C PHE D 62 19.28 -1.73 9.92
N LEU D 63 18.37 -2.70 9.96
CA LEU D 63 17.36 -2.80 11.01
C LEU D 63 17.83 -3.81 12.05
N ARG D 64 18.23 -3.31 13.23
CA ARG D 64 18.61 -4.18 14.33
C ARG D 64 17.39 -4.48 15.19
N ARG D 65 17.18 -5.76 15.47
CA ARG D 65 16.08 -6.22 16.30
C ARG D 65 16.63 -6.84 17.57
N GLU D 66 16.09 -6.43 18.72
CA GLU D 66 16.45 -7.07 19.97
C GLU D 66 15.28 -6.91 20.94
N GLY D 67 15.08 -7.94 21.76
CA GLY D 67 13.95 -7.94 22.69
C GLY D 67 12.63 -7.80 21.95
N MET D 68 12.01 -6.63 22.08
CA MET D 68 10.79 -6.32 21.36
C MET D 68 10.94 -5.13 20.42
N ARG D 69 12.11 -4.50 20.37
CA ARG D 69 12.30 -3.28 19.61
C ARG D 69 13.16 -3.54 18.38
N GLN D 70 12.70 -3.02 17.24
CA GLN D 70 13.45 -3.04 15.99
C GLN D 70 13.68 -1.59 15.57
N TYR D 71 14.95 -1.21 15.44
CA TYR D 71 15.30 0.16 15.13
C TYR D 71 16.35 0.19 14.04
N GLY D 72 16.35 1.28 13.28
CA GLY D 72 17.26 1.43 12.16
C GLY D 72 18.52 2.19 12.52
N GLU D 73 19.63 1.78 11.90
CA GLU D 73 20.92 2.44 12.08
C GLU D 73 21.62 2.52 10.74
N CYS D 74 22.62 3.39 10.66
CA CYS D 74 23.35 3.63 9.43
C CYS D 74 24.79 3.14 9.59
N LEU D 75 25.25 2.34 8.64
CA LEU D 75 26.57 1.75 8.67
C LEU D 75 27.26 1.95 7.34
N HIS D 76 28.59 2.13 7.37
CA HIS D 76 29.33 2.26 6.13
C HIS D 76 29.38 0.96 5.35
N SER D 77 29.44 -0.16 6.06
CA SER D 77 29.40 -1.48 5.44
C SER D 77 28.52 -2.40 6.27
N CYS D 78 27.96 -3.41 5.61
CA CYS D 78 27.11 -4.37 6.29
C CYS D 78 27.92 -5.19 7.30
N PRO D 79 27.27 -5.67 8.35
CA PRO D 79 27.97 -6.58 9.28
C PRO D 79 28.14 -7.97 8.69
N SER D 80 28.65 -8.90 9.50
CA SER D 80 28.83 -10.27 9.03
C SER D 80 27.48 -10.92 8.73
N GLY D 81 27.44 -11.70 7.66
CA GLY D 81 26.20 -12.34 7.24
C GLY D 81 25.28 -11.48 6.43
N TYR D 82 25.71 -10.29 6.03
CA TYR D 82 24.88 -9.35 5.30
C TYR D 82 25.66 -8.75 4.14
N TYR D 83 24.92 -8.28 3.13
CA TYR D 83 25.49 -7.59 1.99
C TYR D 83 24.73 -6.31 1.73
N GLY D 84 25.44 -5.29 1.29
CA GLY D 84 24.84 -3.99 1.01
C GLY D 84 24.36 -3.91 -0.42
N HIS D 85 23.10 -3.52 -0.58
CA HIS D 85 22.50 -3.29 -1.88
C HIS D 85 22.31 -1.78 -2.05
N ARG D 86 23.05 -1.20 -2.99
CA ARG D 86 23.02 0.23 -3.23
C ARG D 86 21.92 0.58 -4.23
N ALA D 87 21.03 1.47 -3.83
CA ALA D 87 19.96 1.96 -4.68
C ALA D 87 19.93 3.48 -4.61
N PRO D 88 19.45 4.14 -5.68
CA PRO D 88 19.41 5.61 -5.65
C PRO D 88 18.54 6.17 -4.53
N ASP D 89 17.42 5.52 -4.20
CA ASP D 89 16.56 6.02 -3.14
C ASP D 89 17.20 5.83 -1.78
N MET D 90 17.71 4.63 -1.49
CA MET D 90 18.37 4.35 -0.23
C MET D 90 19.14 3.06 -0.36
N ASN D 91 20.29 2.99 0.31
CA ASN D 91 21.10 1.79 0.33
C ASN D 91 20.64 0.91 1.48
N ARG D 92 20.31 -0.33 1.19
CA ARG D 92 19.82 -1.27 2.20
C ARG D 92 20.91 -2.25 2.58
N CYS D 93 20.80 -2.80 3.79
CA CYS D 93 21.68 -3.88 4.22
C CYS D 93 20.83 -5.15 4.29
N ALA D 94 20.95 -6.00 3.27
CA ALA D 94 20.14 -7.21 3.17
C ALA D 94 20.91 -8.42 3.70
N ARG D 95 20.18 -9.51 3.90
CA ARG D 95 20.72 -10.72 4.49
C ARG D 95 21.10 -11.72 3.40
N CYS D 96 22.25 -12.37 3.58
CA CYS D 96 22.71 -13.36 2.63
C CYS D 96 21.75 -14.55 2.57
N ARG D 97 21.39 -14.97 1.36
CA ARG D 97 20.51 -16.11 1.17
C ARG D 97 21.25 -17.32 0.62
N ILE D 98 22.57 -17.26 0.54
CA ILE D 98 23.37 -18.41 0.14
C ILE D 98 23.71 -19.21 1.39
N GLU D 99 23.37 -20.50 1.38
CA GLU D 99 23.55 -21.33 2.55
C GLU D 99 25.03 -21.52 2.88
N ASN D 100 25.31 -21.67 4.17
CA ASN D 100 26.63 -21.95 4.71
C ASN D 100 27.62 -20.82 4.46
N CYS D 101 27.15 -19.61 4.19
CA CYS D 101 28.01 -18.50 3.81
C CYS D 101 28.17 -17.53 4.97
N ASP D 102 29.42 -17.13 5.23
CA ASP D 102 29.69 -16.13 6.26
C ASP D 102 29.55 -14.72 5.71
N SER D 103 30.33 -14.38 4.69
CA SER D 103 30.25 -13.07 4.05
C SER D 103 30.12 -13.24 2.55
N CYS D 104 29.25 -12.43 1.94
CA CYS D 104 28.85 -12.62 0.56
C CYS D 104 29.01 -11.34 -0.25
N PHE D 105 29.29 -11.52 -1.54
CA PHE D 105 29.32 -10.40 -2.46
C PHE D 105 27.91 -9.90 -2.76
N SER D 106 26.99 -10.82 -3.00
CA SER D 106 25.60 -10.49 -3.29
C SER D 106 24.74 -11.62 -2.72
N LYS D 107 23.48 -11.69 -3.16
CA LYS D 107 22.55 -12.67 -2.61
C LYS D 107 22.81 -14.08 -3.10
N ASP D 108 23.62 -14.26 -4.14
CA ASP D 108 23.92 -15.60 -4.65
C ASP D 108 25.40 -15.89 -4.78
N PHE D 109 26.27 -14.98 -4.35
CA PHE D 109 27.71 -15.17 -4.46
C PHE D 109 28.33 -14.96 -3.08
N CYS D 110 29.12 -15.94 -2.63
CA CYS D 110 29.73 -15.91 -1.31
C CYS D 110 31.20 -15.55 -1.44
N THR D 111 31.66 -14.63 -0.60
CA THR D 111 33.05 -14.20 -0.60
C THR D 111 33.90 -15.03 0.36
N LYS D 112 33.44 -15.19 1.60
CA LYS D 112 34.09 -16.05 2.58
C LYS D 112 33.06 -17.01 3.16
N CYS D 113 33.35 -18.30 3.09
CA CYS D 113 32.40 -19.34 3.44
C CYS D 113 32.54 -19.70 4.93
N LYS D 114 31.88 -20.78 5.33
CA LYS D 114 31.89 -21.23 6.72
C LYS D 114 33.16 -22.02 7.02
N VAL D 115 33.31 -22.41 8.29
CA VAL D 115 34.51 -23.09 8.72
C VAL D 115 34.66 -24.47 8.10
N GLY D 116 33.55 -25.17 7.89
CA GLY D 116 33.62 -26.56 7.46
C GLY D 116 33.38 -26.82 5.98
N PHE D 117 33.50 -25.79 5.15
CA PHE D 117 33.23 -25.93 3.72
C PHE D 117 34.29 -25.18 2.92
N TYR D 118 34.29 -25.41 1.61
CA TYR D 118 35.16 -24.70 0.68
C TYR D 118 34.32 -24.07 -0.41
N LEU D 119 34.70 -22.88 -0.85
CA LEU D 119 33.97 -22.16 -1.88
C LEU D 119 34.58 -22.46 -3.25
N HIS D 120 33.77 -22.97 -4.17
CA HIS D 120 34.25 -23.28 -5.50
C HIS D 120 34.27 -22.04 -6.39
N ARG D 121 33.10 -21.49 -6.69
CA ARG D 121 33.00 -20.23 -7.41
C ARG D 121 32.40 -19.14 -6.54
N GLY D 122 31.19 -19.38 -6.01
CA GLY D 122 30.57 -18.45 -5.08
C GLY D 122 29.68 -19.21 -4.12
N ARG D 123 29.75 -20.53 -4.17
CA ARG D 123 28.92 -21.41 -3.36
C ARG D 123 29.79 -22.23 -2.43
N CYS D 124 29.22 -22.61 -1.29
CA CYS D 124 29.90 -23.46 -0.33
C CYS D 124 29.61 -24.92 -0.64
N PHE D 125 30.66 -25.72 -0.71
CA PHE D 125 30.56 -27.16 -0.91
C PHE D 125 31.33 -27.87 0.20
N ASP D 126 30.81 -29.03 0.60
CA ASP D 126 31.51 -29.86 1.57
C ASP D 126 32.38 -30.92 0.90
N GLU D 127 31.94 -31.43 -0.24
CA GLU D 127 32.72 -32.36 -1.05
C GLU D 127 33.13 -31.59 -2.30
N CYS D 128 34.38 -31.13 -2.32
CA CYS D 128 34.84 -30.26 -3.39
C CYS D 128 34.82 -31.01 -4.73
N PRO D 129 34.44 -30.34 -5.82
CA PRO D 129 34.46 -30.99 -7.13
C PRO D 129 35.89 -31.36 -7.54
N ASP D 130 35.97 -32.38 -8.39
CA ASP D 130 37.26 -32.87 -8.86
C ASP D 130 37.99 -31.80 -9.67
N GLY D 131 39.31 -31.79 -9.54
CA GLY D 131 40.13 -30.85 -10.29
C GLY D 131 40.96 -29.94 -9.41
N PHE D 132 40.57 -29.80 -8.14
CA PHE D 132 41.26 -28.93 -7.21
C PHE D 132 41.31 -29.56 -5.83
N ALA D 133 42.33 -29.20 -5.06
CA ALA D 133 42.48 -29.73 -3.71
C ALA D 133 41.40 -29.16 -2.80
N PRO D 134 41.03 -29.88 -1.73
CA PRO D 134 39.95 -29.38 -0.87
C PRO D 134 40.35 -28.20 -0.01
N LEU D 135 41.53 -28.24 0.61
CA LEU D 135 41.92 -27.23 1.60
C LEU D 135 42.83 -26.16 1.01
N ASP D 136 44.00 -26.57 0.49
CA ASP D 136 45.01 -25.63 -0.01
C ASP D 136 45.37 -24.58 1.04
N GLU D 137 45.34 -24.97 2.32
CA GLU D 137 45.67 -24.16 3.48
C GLU D 137 44.71 -22.99 3.69
N THR D 138 43.68 -22.84 2.85
CA THR D 138 42.73 -21.75 3.03
C THR D 138 41.29 -22.18 2.82
N MET D 139 41.00 -23.48 2.78
CA MET D 139 39.64 -24.00 2.68
C MET D 139 38.94 -23.49 1.42
N GLU D 140 39.51 -23.84 0.27
CA GLU D 140 38.92 -23.47 -1.01
C GLU D 140 39.39 -24.46 -2.07
N CYS D 141 38.69 -24.48 -3.19
CA CYS D 141 39.05 -25.35 -4.30
C CYS D 141 40.30 -24.85 -5.00
#